data_2AVT
#
_entry.id   2AVT
#
_cell.length_a   79.036
_cell.length_b   74.666
_cell.length_c   82.779
_cell.angle_alpha   90.00
_cell.angle_beta   118.57
_cell.angle_gamma   90.00
#
_symmetry.space_group_name_H-M   'P 1 21 1'
#
loop_
_entity.id
_entity.type
_entity.pdbx_description
1 polymer 'DNA polymerase III beta subunit'
2 water water
#
_entity_poly.entity_id   1
_entity_poly.type   'polypeptide(L)'
_entity_poly.pdbx_seq_one_letter_code
;MIQFSINRTLFIHALNTTKRAISTKNAIPILSSIKIEVTSTGVTLTGSNGQISIENTIPVSNENAGLLITSPGAILLEAS
FFINIISSLPDISINVKEIEQHQVVLTSGKSEITLKGKDVDQYPRLQEVSTENPLILKTKLLKSIIAETAFAASLQESRP
ILTGVHIVLSNHKDFKAVATDSHRMSQRLITLDNTSADFMVVLPSKSLREFSAVFTDDIETVEVFFSPSQILFRSEHISF
YTRLLEGNYPDTDRLLMTEFETEVVFNTQSLRHAMERAFLISNATQNGTVKLEITQNHISAHVNSPEVGKVNEDLDIVSQ
SGSDLTISFNPTYLIESLKAIKSETVKIHFLSPVRPFTLTPGDEEESFIQLITPVRTN
;
_entity_poly.pdbx_strand_id   A,B
#
# COMPACT_ATOMS: atom_id res chain seq x y z
N MET A 1 9.66 -21.59 34.17
CA MET A 1 9.57 -21.08 32.78
C MET A 1 8.19 -20.50 32.48
N ILE A 2 8.11 -19.72 31.41
CA ILE A 2 6.89 -19.06 30.99
C ILE A 2 5.72 -20.00 30.74
N GLN A 3 4.53 -19.54 31.12
CA GLN A 3 3.31 -20.29 30.89
C GLN A 3 2.09 -19.41 31.11
N PHE A 4 1.38 -19.11 30.03
CA PHE A 4 0.18 -18.30 30.12
C PHE A 4 -0.71 -18.55 28.92
N SER A 5 -2.00 -18.25 29.09
CA SER A 5 -2.99 -18.40 28.02
C SER A 5 -3.53 -17.01 27.81
N ILE A 6 -3.78 -16.65 26.57
CA ILE A 6 -4.27 -15.31 26.29
C ILE A 6 -5.22 -15.30 25.12
N ASN A 7 -6.05 -14.27 25.08
CA ASN A 7 -7.01 -14.09 23.99
C ASN A 7 -6.17 -13.64 22.78
N ARG A 8 -6.37 -14.29 21.64
CA ARG A 8 -5.61 -13.98 20.42
C ARG A 8 -5.73 -12.53 19.95
N THR A 9 -6.96 -12.03 19.85
CA THR A 9 -7.18 -10.66 19.42
C THR A 9 -6.49 -9.65 20.35
N LEU A 10 -6.59 -9.87 21.65
CA LEU A 10 -5.96 -8.98 22.62
C LEU A 10 -4.42 -8.98 22.42
N PHE A 11 -3.85 -10.18 22.32
CA PHE A 11 -2.42 -10.35 22.15
C PHE A 11 -1.92 -9.63 20.91
N ILE A 12 -2.59 -9.84 19.78
CA ILE A 12 -2.21 -9.22 18.51
C ILE A 12 -2.19 -7.69 18.60
N HIS A 13 -3.24 -7.10 19.18
CA HIS A 13 -3.30 -5.64 19.30
C HIS A 13 -2.09 -5.10 20.07
N ALA A 14 -1.78 -5.71 21.21
CA ALA A 14 -0.65 -5.27 22.01
C ALA A 14 0.71 -5.49 21.31
N LEU A 15 0.81 -6.58 20.56
CA LEU A 15 2.04 -6.90 19.83
C LEU A 15 2.29 -5.88 18.72
N ASN A 16 1.25 -5.55 17.96
CA ASN A 16 1.40 -4.59 16.88
C ASN A 16 1.74 -3.21 17.37
N THR A 17 1.36 -2.90 18.60
CA THR A 17 1.67 -1.59 19.17
C THR A 17 3.15 -1.52 19.51
N THR A 18 3.63 -2.60 20.13
CA THR A 18 5.02 -2.70 20.54
C THR A 18 5.94 -2.74 19.31
N LYS A 19 5.47 -3.40 18.26
CA LYS A 19 6.21 -3.54 17.02
C LYS A 19 6.50 -2.17 16.37
N ARG A 20 5.80 -1.13 16.81
CA ARG A 20 6.03 0.21 16.27
C ARG A 20 7.44 0.66 16.61
N ALA A 21 8.00 0.15 17.69
CA ALA A 21 9.35 0.51 18.10
C ALA A 21 10.39 -0.47 17.58
N ILE A 22 9.99 -1.36 16.67
CA ILE A 22 10.91 -2.36 16.13
C ILE A 22 11.15 -2.18 14.64
N SER A 23 12.39 -1.90 14.27
CA SER A 23 12.80 -1.67 12.88
C SER A 23 12.82 -2.94 12.04
N THR A 24 12.63 -2.75 10.74
CA THR A 24 12.64 -3.83 9.77
C THR A 24 14.09 -4.31 9.62
N LYS A 25 15.00 -3.36 9.48
CA LYS A 25 16.42 -3.69 9.36
C LYS A 25 17.11 -3.25 10.65
N ASN A 26 18.05 -4.06 11.13
CA ASN A 26 18.74 -3.76 12.38
C ASN A 26 20.27 -3.88 12.34
N ALA A 27 20.96 -2.79 12.70
CA ALA A 27 22.42 -2.79 12.74
C ALA A 27 22.84 -3.63 13.92
N ILE A 28 22.09 -3.49 15.02
CA ILE A 28 22.31 -4.26 16.24
C ILE A 28 21.25 -5.36 16.04
N PRO A 29 21.68 -6.57 15.63
CA PRO A 29 20.80 -7.70 15.38
C PRO A 29 19.72 -8.06 16.40
N ILE A 30 20.08 -8.07 17.68
CA ILE A 30 19.11 -8.42 18.72
C ILE A 30 17.89 -7.49 18.80
N LEU A 31 17.98 -6.31 18.21
CA LEU A 31 16.85 -5.37 18.27
C LEU A 31 15.69 -5.77 17.36
N SER A 32 15.88 -6.79 16.53
CA SER A 32 14.81 -7.27 15.66
C SER A 32 13.84 -8.12 16.51
N SER A 33 14.23 -8.45 17.72
CA SER A 33 13.36 -9.27 18.54
C SER A 33 12.44 -8.52 19.49
N ILE A 34 11.37 -9.20 19.88
CA ILE A 34 10.45 -8.61 20.84
C ILE A 34 10.77 -9.33 22.14
N LYS A 35 10.81 -8.59 23.23
CA LYS A 35 11.12 -9.16 24.53
C LYS A 35 9.80 -9.37 25.27
N ILE A 36 9.62 -10.58 25.80
CA ILE A 36 8.40 -10.91 26.52
C ILE A 36 8.73 -11.28 27.95
N GLU A 37 8.23 -10.51 28.89
CA GLU A 37 8.47 -10.81 30.30
C GLU A 37 7.12 -11.10 30.94
N VAL A 38 7.01 -12.26 31.55
CA VAL A 38 5.77 -12.66 32.18
C VAL A 38 5.91 -12.58 33.70
N THR A 39 5.07 -11.74 34.31
CA THR A 39 5.10 -11.59 35.77
C THR A 39 3.72 -11.94 36.35
N SER A 40 3.62 -11.92 37.67
CA SER A 40 2.36 -12.27 38.32
C SER A 40 1.20 -11.36 37.95
N THR A 41 1.50 -10.11 37.63
CA THR A 41 0.45 -9.17 37.32
C THR A 41 0.20 -8.88 35.84
N GLY A 42 0.96 -9.52 34.95
CA GLY A 42 0.75 -9.27 33.54
C GLY A 42 1.86 -9.72 32.61
N VAL A 43 1.64 -9.51 31.32
CA VAL A 43 2.62 -9.88 30.31
C VAL A 43 3.16 -8.58 29.72
N THR A 44 4.44 -8.31 29.95
CA THR A 44 5.03 -7.09 29.43
C THR A 44 5.83 -7.32 28.16
N LEU A 45 5.49 -6.55 27.14
CA LEU A 45 6.14 -6.64 25.83
C LEU A 45 7.05 -5.44 25.63
N THR A 46 8.29 -5.69 25.20
CA THR A 46 9.25 -4.61 24.97
C THR A 46 9.87 -4.67 23.58
N GLY A 47 9.94 -3.51 22.94
CA GLY A 47 10.53 -3.39 21.62
C GLY A 47 11.31 -2.09 21.58
N SER A 48 12.38 -2.06 20.78
CA SER A 48 13.20 -0.85 20.64
C SER A 48 14.02 -0.89 19.36
N ASN A 49 14.34 0.29 18.85
CA ASN A 49 15.09 0.41 17.59
C ASN A 49 16.26 1.38 17.72
N GLY A 50 16.71 1.64 18.94
CA GLY A 50 17.82 2.56 19.14
C GLY A 50 17.41 4.02 19.29
N GLN A 51 16.21 4.35 18.84
CA GLN A 51 15.70 5.72 18.95
C GLN A 51 14.59 5.74 20.00
N ILE A 52 13.63 4.81 19.88
CA ILE A 52 12.55 4.70 20.84
C ILE A 52 12.48 3.28 21.41
N SER A 53 11.80 3.16 22.54
CA SER A 53 11.57 1.89 23.21
C SER A 53 10.15 1.92 23.72
N ILE A 54 9.43 0.83 23.51
CA ILE A 54 8.05 0.71 23.98
C ILE A 54 7.90 -0.48 24.90
N GLU A 55 7.41 -0.24 26.12
CA GLU A 55 7.15 -1.30 27.09
C GLU A 55 5.64 -1.28 27.27
N ASN A 56 4.99 -2.31 26.75
CA ASN A 56 3.53 -2.40 26.78
C ASN A 56 3.12 -3.62 27.58
N THR A 57 2.37 -3.36 28.64
CA THR A 57 1.92 -4.40 29.54
C THR A 57 0.45 -4.77 29.40
N ILE A 58 0.20 -6.08 29.33
CA ILE A 58 -1.15 -6.61 29.26
C ILE A 58 -1.37 -7.11 30.68
N PRO A 59 -2.27 -6.43 31.42
CA PRO A 59 -2.62 -6.75 32.81
C PRO A 59 -3.46 -8.00 33.01
N VAL A 60 -3.21 -8.73 34.09
CA VAL A 60 -4.00 -9.93 34.39
C VAL A 60 -5.33 -9.50 34.99
N GLY A 66 -9.20 -12.91 27.55
CA GLY A 66 -8.56 -12.68 28.83
C GLY A 66 -7.10 -13.10 28.84
N LEU A 67 -6.54 -13.19 30.03
CA LEU A 67 -5.15 -13.57 30.22
C LEU A 67 -5.03 -14.31 31.54
N LEU A 68 -4.49 -15.52 31.50
CA LEU A 68 -4.30 -16.30 32.69
C LEU A 68 -2.83 -16.71 32.71
N ILE A 69 -2.13 -16.30 33.76
CA ILE A 69 -0.72 -16.59 33.91
C ILE A 69 -0.48 -17.69 34.94
N THR A 70 0.25 -18.71 34.50
CA THR A 70 0.56 -19.87 35.32
C THR A 70 1.97 -19.88 35.88
N SER A 71 2.93 -19.38 35.10
CA SER A 71 4.32 -19.35 35.54
C SER A 71 5.09 -18.17 34.92
N PRO A 72 5.97 -17.55 35.70
CA PRO A 72 6.81 -16.40 35.32
C PRO A 72 7.92 -16.80 34.35
N GLY A 73 8.50 -15.80 33.68
CA GLY A 73 9.57 -16.08 32.73
C GLY A 73 9.86 -14.91 31.82
N ALA A 74 10.91 -15.05 31.01
CA ALA A 74 11.29 -14.00 30.09
C ALA A 74 11.97 -14.62 28.87
N ILE A 75 11.61 -14.15 27.68
CA ILE A 75 12.19 -14.69 26.47
C ILE A 75 12.18 -13.69 25.33
N LEU A 76 13.07 -13.89 24.36
CA LEU A 76 13.18 -13.05 23.17
C LEU A 76 12.81 -13.89 21.93
N LEU A 77 12.01 -13.31 21.04
CA LEU A 77 11.58 -13.99 19.81
C LEU A 77 11.66 -12.96 18.69
N GLU A 78 11.94 -13.41 17.46
CA GLU A 78 11.99 -12.46 16.34
C GLU A 78 10.59 -11.87 16.24
N ALA A 79 10.49 -10.55 16.38
CA ALA A 79 9.21 -9.86 16.37
C ALA A 79 8.24 -10.09 15.20
N SER A 80 8.62 -9.64 14.00
CA SER A 80 7.74 -9.80 12.83
C SER A 80 7.31 -11.25 12.63
N PHE A 81 8.26 -12.15 12.80
CA PHE A 81 7.99 -13.57 12.64
C PHE A 81 7.00 -14.07 13.70
N PHE A 82 7.24 -13.71 14.96
CA PHE A 82 6.38 -14.15 16.04
C PHE A 82 4.96 -13.65 15.87
N ILE A 83 4.83 -12.38 15.51
CA ILE A 83 3.52 -11.78 15.30
C ILE A 83 2.76 -12.41 14.14
N ASN A 84 3.45 -12.70 13.03
CA ASN A 84 2.76 -13.36 11.92
C ASN A 84 2.25 -14.75 12.36
N ILE A 85 3.04 -15.44 13.17
CA ILE A 85 2.62 -16.75 13.65
C ILE A 85 1.37 -16.64 14.53
N ILE A 86 1.41 -15.74 15.52
CA ILE A 86 0.29 -15.52 16.42
C ILE A 86 -0.95 -15.14 15.63
N SER A 87 -0.79 -14.26 14.66
CA SER A 87 -1.92 -13.81 13.84
C SER A 87 -2.47 -14.92 12.96
N SER A 88 -1.70 -15.98 12.75
CA SER A 88 -2.15 -17.07 11.91
C SER A 88 -2.80 -18.22 12.68
N LEU A 89 -2.72 -18.20 14.01
CA LEU A 89 -3.30 -19.28 14.82
C LEU A 89 -4.81 -19.31 14.67
N PRO A 90 -5.38 -20.52 14.62
CA PRO A 90 -6.82 -20.78 14.47
C PRO A 90 -7.82 -20.39 15.56
N ASP A 91 -7.58 -20.77 16.81
CA ASP A 91 -8.52 -20.47 17.87
C ASP A 91 -8.42 -19.13 18.58
N ILE A 92 -9.54 -18.75 19.21
CA ILE A 92 -9.65 -17.50 19.94
C ILE A 92 -8.64 -17.36 21.05
N SER A 93 -8.21 -18.47 21.63
CA SER A 93 -7.24 -18.42 22.71
C SER A 93 -5.97 -19.19 22.42
N ILE A 94 -4.86 -18.64 22.91
CA ILE A 94 -3.56 -19.23 22.70
C ILE A 94 -2.87 -19.55 24.01
N ASN A 95 -2.26 -20.73 24.08
CA ASN A 95 -1.54 -21.14 25.25
C ASN A 95 -0.07 -21.04 24.88
N VAL A 96 0.71 -20.39 25.74
CA VAL A 96 2.14 -20.19 25.50
C VAL A 96 2.91 -20.89 26.60
N LYS A 97 3.71 -21.88 26.22
CA LYS A 97 4.49 -22.63 27.20
C LYS A 97 5.94 -22.75 26.80
N GLU A 98 6.83 -22.21 27.63
CA GLU A 98 8.26 -22.28 27.36
C GLU A 98 8.77 -23.63 27.80
N ILE A 99 9.68 -24.19 27.00
CA ILE A 99 10.30 -25.46 27.33
C ILE A 99 11.80 -25.23 27.30
N GLU A 100 12.58 -26.30 27.40
CA GLU A 100 14.03 -26.19 27.41
C GLU A 100 14.65 -25.52 26.21
N GLN A 101 15.82 -24.92 26.44
CA GLN A 101 16.58 -24.24 25.40
C GLN A 101 15.89 -23.05 24.76
N HIS A 102 15.22 -22.25 25.58
CA HIS A 102 14.51 -21.06 25.14
C HIS A 102 13.60 -21.25 23.95
N GLN A 103 12.71 -22.23 24.06
CA GLN A 103 11.74 -22.54 23.02
C GLN A 103 10.37 -22.33 23.63
N VAL A 104 9.41 -21.90 22.82
CA VAL A 104 8.06 -21.74 23.32
C VAL A 104 7.12 -22.54 22.44
N VAL A 105 6.21 -23.26 23.08
CA VAL A 105 5.23 -24.05 22.37
C VAL A 105 3.94 -23.25 22.41
N LEU A 106 3.45 -22.91 21.23
CA LEU A 106 2.23 -22.15 21.09
C LEU A 106 1.13 -23.13 20.67
N THR A 107 0.06 -23.23 21.47
CA THR A 107 -1.04 -24.13 21.16
C THR A 107 -2.34 -23.36 21.02
N SER A 108 -2.99 -23.55 19.89
CA SER A 108 -4.25 -22.89 19.60
C SER A 108 -5.09 -23.87 18.80
N GLY A 109 -6.11 -24.43 19.44
CA GLY A 109 -6.95 -25.39 18.76
C GLY A 109 -6.14 -26.65 18.53
N LYS A 110 -6.22 -27.18 17.32
CA LYS A 110 -5.48 -28.40 16.97
C LYS A 110 -4.09 -28.09 16.45
N SER A 111 -3.71 -26.82 16.49
CA SER A 111 -2.41 -26.40 15.97
C SER A 111 -1.37 -26.17 17.06
N GLU A 112 -0.22 -26.83 16.91
CA GLU A 112 0.88 -26.68 17.84
C GLU A 112 2.14 -26.23 17.09
N ILE A 113 2.60 -25.02 17.41
CA ILE A 113 3.78 -24.44 16.77
C ILE A 113 4.85 -24.12 17.81
N THR A 114 6.03 -24.71 17.63
CA THR A 114 7.13 -24.47 18.55
C THR A 114 8.14 -23.54 17.90
N LEU A 115 8.55 -22.50 18.64
CA LEU A 115 9.52 -21.53 18.12
C LEU A 115 10.77 -21.46 18.97
N LYS A 116 11.91 -21.25 18.34
CA LYS A 116 13.17 -21.13 19.07
C LYS A 116 13.37 -19.66 19.40
N GLY A 117 13.73 -19.39 20.66
CA GLY A 117 13.95 -18.01 21.07
C GLY A 117 15.31 -17.80 21.72
N LYS A 118 15.50 -16.67 22.36
CA LYS A 118 16.78 -16.39 23.00
C LYS A 118 16.59 -15.89 24.42
N ASP A 119 17.63 -16.08 25.22
CA ASP A 119 17.64 -15.65 26.62
C ASP A 119 17.57 -14.11 26.62
N VAL A 120 16.77 -13.56 27.51
CA VAL A 120 16.62 -12.10 27.59
C VAL A 120 17.88 -11.35 27.97
N ASP A 121 18.86 -12.01 28.58
CA ASP A 121 20.08 -11.30 28.95
C ASP A 121 20.82 -10.79 27.73
N GLN A 122 20.39 -11.22 26.54
CA GLN A 122 21.03 -10.75 25.31
C GLN A 122 20.48 -9.38 24.89
N TYR A 123 19.37 -8.98 25.51
CA TYR A 123 18.71 -7.71 25.19
C TYR A 123 19.29 -6.55 26.01
N PRO A 124 19.45 -5.36 25.40
CA PRO A 124 19.99 -4.22 26.14
C PRO A 124 19.01 -3.74 27.21
N ARG A 125 19.55 -3.27 28.34
CA ARG A 125 18.70 -2.78 29.41
C ARG A 125 18.19 -1.39 29.11
N LEU A 126 17.05 -1.05 29.71
CA LEU A 126 16.46 0.26 29.48
C LEU A 126 17.17 1.31 30.31
N GLN A 127 17.41 2.47 29.71
CA GLN A 127 18.03 3.58 30.42
C GLN A 127 16.85 4.13 31.22
N GLU A 128 16.79 3.78 32.49
CA GLU A 128 15.69 4.21 33.34
C GLU A 128 15.58 5.72 33.52
N VAL A 129 14.35 6.18 33.74
CA VAL A 129 14.08 7.60 33.94
C VAL A 129 13.26 7.77 35.22
N SER A 130 13.71 8.65 36.10
CA SER A 130 13.02 8.89 37.36
C SER A 130 11.52 9.16 37.17
N THR A 131 10.71 8.54 38.02
CA THR A 131 9.26 8.69 37.95
C THR A 131 8.73 9.70 38.97
N GLU A 132 9.59 10.63 39.38
CA GLU A 132 9.19 11.64 40.36
C GLU A 132 8.87 12.96 39.67
N ASN A 133 7.91 13.70 40.21
CA ASN A 133 7.51 15.00 39.65
C ASN A 133 7.11 14.92 38.18
N PRO A 134 5.97 14.29 37.89
CA PRO A 134 5.44 14.13 36.54
C PRO A 134 4.70 15.32 35.98
N LEU A 135 4.89 15.57 34.69
CA LEU A 135 4.19 16.64 33.99
C LEU A 135 3.01 15.90 33.38
N ILE A 136 1.79 16.33 33.68
CA ILE A 136 0.62 15.67 33.15
C ILE A 136 0.02 16.41 31.96
N LEU A 137 -0.07 15.73 30.82
CA LEU A 137 -0.63 16.32 29.62
C LEU A 137 -1.72 15.45 29.02
N LYS A 138 -2.74 16.07 28.47
CA LYS A 138 -3.82 15.32 27.85
C LYS A 138 -3.29 14.75 26.55
N THR A 139 -3.69 13.54 26.25
CA THR A 139 -3.25 12.85 25.03
C THR A 139 -3.66 13.58 23.77
N LYS A 140 -4.91 13.99 23.70
CA LYS A 140 -5.37 14.68 22.50
C LYS A 140 -4.65 16.01 22.29
N LEU A 141 -4.20 16.63 23.37
CA LEU A 141 -3.47 17.90 23.24
C LEU A 141 -2.08 17.62 22.69
N LEU A 142 -1.42 16.60 23.23
CA LEU A 142 -0.09 16.23 22.79
C LEU A 142 -0.12 15.83 21.32
N LYS A 143 -1.11 15.05 20.94
CA LYS A 143 -1.23 14.60 19.55
C LYS A 143 -1.47 15.77 18.60
N SER A 144 -2.17 16.80 19.10
CA SER A 144 -2.46 17.97 18.30
C SER A 144 -1.19 18.76 18.01
N ILE A 145 -0.35 18.89 19.04
CA ILE A 145 0.92 19.60 18.94
C ILE A 145 1.84 18.90 17.94
N ILE A 146 1.86 17.56 18.01
CA ILE A 146 2.68 16.75 17.12
C ILE A 146 2.29 16.89 15.65
N ALA A 147 1.01 16.71 15.35
CA ALA A 147 0.53 16.82 13.99
C ALA A 147 0.75 18.23 13.42
N GLU A 148 0.94 19.21 14.30
CA GLU A 148 1.15 20.59 13.86
C GLU A 148 2.61 20.99 13.69
N THR A 149 3.54 20.28 14.33
CA THR A 149 4.94 20.66 14.23
C THR A 149 5.92 19.62 13.67
N ALA A 150 5.63 18.34 13.85
CA ALA A 150 6.51 17.28 13.38
C ALA A 150 6.99 17.40 11.93
N PHE A 151 6.06 17.59 11.01
CA PHE A 151 6.36 17.71 9.58
C PHE A 151 7.34 18.82 9.20
N ALA A 152 7.43 19.87 10.01
CA ALA A 152 8.31 21.00 9.69
C ALA A 152 9.79 20.76 9.98
N ALA A 153 10.10 19.76 10.80
CA ALA A 153 11.49 19.47 11.13
C ALA A 153 12.26 19.03 9.88
N SER A 154 13.59 19.15 9.97
CA SER A 154 14.45 18.78 8.85
C SER A 154 14.76 17.27 8.85
N LEU A 155 14.92 16.73 7.65
CA LEU A 155 15.24 15.31 7.46
C LEU A 155 16.74 15.15 7.28
N GLN A 156 17.36 16.20 6.75
CA GLN A 156 18.80 16.23 6.51
C GLN A 156 19.60 15.92 7.76
N GLU A 157 20.34 14.82 7.73
CA GLU A 157 21.15 14.41 8.87
C GLU A 157 22.34 15.34 9.08
N SER A 158 22.68 16.11 8.07
CA SER A 158 23.81 17.04 8.16
C SER A 158 23.73 17.84 9.45
N ARG A 159 22.53 18.23 9.84
CA ARG A 159 22.32 18.98 11.08
C ARG A 159 21.24 18.30 11.93
N PRO A 160 21.68 17.49 12.90
CA PRO A 160 20.83 16.74 13.83
C PRO A 160 19.71 17.54 14.51
N ILE A 161 20.08 18.59 15.22
CA ILE A 161 19.11 19.41 15.94
C ILE A 161 17.86 19.83 15.15
N LEU A 162 18.00 20.12 13.86
CA LEU A 162 16.85 20.53 13.06
C LEU A 162 15.93 19.36 12.74
N THR A 163 16.41 18.14 13.01
CA THR A 163 15.65 16.94 12.74
C THR A 163 14.55 16.76 13.78
N GLY A 164 14.69 17.41 14.92
CA GLY A 164 13.69 17.28 15.96
C GLY A 164 12.75 18.45 16.15
N VAL A 165 11.87 18.31 17.13
CA VAL A 165 10.91 19.35 17.47
C VAL A 165 11.42 19.95 18.78
N HIS A 166 11.62 21.26 18.81
CA HIS A 166 12.09 21.91 20.04
C HIS A 166 10.89 22.14 20.95
N ILE A 167 10.94 21.56 22.15
CA ILE A 167 9.85 21.73 23.12
C ILE A 167 10.45 22.38 24.35
N VAL A 168 9.91 23.53 24.75
CA VAL A 168 10.43 24.26 25.91
C VAL A 168 9.36 24.78 26.87
N LEU A 169 9.61 24.62 28.17
CA LEU A 169 8.68 25.14 29.19
C LEU A 169 9.44 26.22 29.94
N SER A 170 8.98 27.46 29.81
CA SER A 170 9.62 28.61 30.47
C SER A 170 8.72 29.24 31.53
N ASN A 171 9.35 29.84 32.54
CA ASN A 171 8.64 30.48 33.64
C ASN A 171 7.64 29.52 34.27
N HIS A 172 8.00 28.24 34.29
CA HIS A 172 7.17 27.19 34.87
C HIS A 172 5.76 27.08 34.30
N LYS A 173 5.47 27.77 33.21
CA LYS A 173 4.10 27.70 32.70
C LYS A 173 3.96 27.96 31.20
N ASP A 174 4.94 28.62 30.61
CA ASP A 174 4.88 28.92 29.18
C ASP A 174 5.46 27.76 28.37
N PHE A 175 4.60 27.06 27.64
CA PHE A 175 4.98 25.90 26.83
C PHE A 175 5.16 26.26 25.35
N LYS A 176 6.33 25.90 24.78
CA LYS A 176 6.56 26.18 23.37
C LYS A 176 7.05 24.92 22.62
N ALA A 177 6.43 24.65 21.48
CA ALA A 177 6.82 23.53 20.64
C ALA A 177 7.09 24.12 19.28
N VAL A 178 8.32 24.02 18.80
CA VAL A 178 8.68 24.56 17.49
C VAL A 178 9.56 23.61 16.68
N ALA A 179 9.38 23.64 15.36
CA ALA A 179 10.17 22.81 14.45
C ALA A 179 10.36 23.60 13.16
N THR A 180 11.53 23.44 12.54
CA THR A 180 11.84 24.14 11.31
C THR A 180 12.89 23.42 10.48
N ASP A 181 12.87 23.70 9.18
CA ASP A 181 13.81 23.13 8.23
C ASP A 181 14.57 24.30 7.59
N SER A 182 14.64 25.42 8.30
CA SER A 182 15.31 26.64 7.83
C SER A 182 14.84 27.00 6.43
N HIS A 183 13.58 26.68 6.17
CA HIS A 183 12.92 26.96 4.91
C HIS A 183 11.50 27.37 5.32
N ARG A 184 10.97 26.62 6.29
CA ARG A 184 9.64 26.82 6.84
C ARG A 184 9.71 26.43 8.32
N MET A 185 8.75 26.93 9.09
CA MET A 185 8.71 26.71 10.53
C MET A 185 7.29 26.64 11.05
N SER A 186 7.10 25.92 12.14
CA SER A 186 5.80 25.76 12.77
C SER A 186 5.98 25.88 14.28
N GLN A 187 5.14 26.70 14.91
CA GLN A 187 5.19 26.93 16.35
C GLN A 187 3.84 26.89 17.08
N ARG A 188 3.85 26.26 18.25
CA ARG A 188 2.65 26.15 19.07
C ARG A 188 2.97 26.63 20.48
N LEU A 189 2.22 27.62 20.96
CA LEU A 189 2.43 28.15 22.30
C LEU A 189 1.22 27.80 23.15
N ILE A 190 1.48 27.40 24.38
CA ILE A 190 0.40 27.05 25.30
C ILE A 190 0.82 27.51 26.68
N THR A 191 -0.15 27.92 27.48
CA THR A 191 0.14 28.34 28.85
C THR A 191 -0.49 27.26 29.71
N LEU A 192 0.33 26.62 30.54
CA LEU A 192 -0.17 25.55 31.40
C LEU A 192 -1.09 26.11 32.48
N ASP A 193 -2.08 25.33 32.90
CA ASP A 193 -2.99 25.78 33.95
C ASP A 193 -2.30 25.66 35.29
N ASN A 194 -1.42 24.68 35.41
CA ASN A 194 -0.67 24.47 36.64
C ASN A 194 0.83 24.58 36.37
N THR A 195 1.53 25.31 37.23
CA THR A 195 2.96 25.47 37.06
C THR A 195 3.69 24.14 37.17
N SER A 196 4.75 23.98 36.37
CA SER A 196 5.53 22.75 36.37
C SER A 196 7.00 23.09 36.11
N ALA A 197 7.90 22.23 36.58
CA ALA A 197 9.34 22.43 36.40
C ALA A 197 9.68 22.78 34.95
N ASP A 198 10.62 23.70 34.76
CA ASP A 198 11.04 24.09 33.42
C ASP A 198 11.78 22.95 32.72
N PHE A 199 11.78 22.98 31.39
CA PHE A 199 12.45 21.97 30.59
C PHE A 199 12.73 22.55 29.22
N MET A 200 13.68 21.95 28.51
CA MET A 200 14.04 22.40 27.17
C MET A 200 14.74 21.27 26.42
N VAL A 201 14.03 20.63 25.52
CA VAL A 201 14.60 19.51 24.78
C VAL A 201 14.26 19.56 23.30
N VAL A 202 14.86 18.63 22.57
CA VAL A 202 14.64 18.50 21.14
C VAL A 202 14.36 17.02 20.94
N LEU A 203 13.18 16.71 20.42
CA LEU A 203 12.78 15.32 20.22
C LEU A 203 12.68 15.00 18.73
N PRO A 204 13.37 13.92 18.29
CA PRO A 204 13.34 13.51 16.89
C PRO A 204 11.90 13.45 16.42
N SER A 205 11.61 14.11 15.30
CA SER A 205 10.24 14.15 14.81
C SER A 205 9.60 12.79 14.56
N LYS A 206 10.37 11.84 14.05
CA LYS A 206 9.80 10.52 13.78
C LYS A 206 9.31 9.89 15.07
N SER A 207 10.07 10.10 16.14
CA SER A 207 9.72 9.54 17.43
C SER A 207 8.38 10.07 17.92
N LEU A 208 8.05 11.30 17.55
CA LEU A 208 6.78 11.90 17.96
C LEU A 208 5.62 11.33 17.16
N ARG A 209 5.85 11.07 15.87
CA ARG A 209 4.80 10.47 15.04
C ARG A 209 4.42 9.11 15.63
N GLU A 210 5.42 8.40 16.14
CA GLU A 210 5.16 7.08 16.73
C GLU A 210 4.35 7.21 18.02
N PHE A 211 4.54 8.31 18.76
CA PHE A 211 3.79 8.55 19.99
C PHE A 211 2.30 8.51 19.67
N SER A 212 1.90 9.25 18.64
CA SER A 212 0.52 9.33 18.22
C SER A 212 -0.06 7.98 17.83
N ALA A 213 0.78 7.15 17.21
CA ALA A 213 0.32 5.83 16.77
C ALA A 213 0.22 4.85 17.93
N VAL A 214 1.07 5.01 18.93
CA VAL A 214 1.09 4.10 20.07
C VAL A 214 0.03 4.35 21.15
N PHE A 215 -0.19 5.61 21.50
CA PHE A 215 -1.19 5.93 22.50
C PHE A 215 -2.55 6.17 21.85
N THR A 216 -3.47 5.23 22.05
CA THR A 216 -4.80 5.33 21.48
C THR A 216 -5.64 6.38 22.20
N ASP A 217 -6.63 6.90 21.49
CA ASP A 217 -7.48 7.96 22.02
C ASP A 217 -8.28 7.64 23.27
N ASP A 218 -8.47 6.36 23.57
CA ASP A 218 -9.20 6.01 24.77
C ASP A 218 -8.36 6.37 26.00
N ILE A 219 -7.08 6.70 25.78
CA ILE A 219 -6.18 7.08 26.86
C ILE A 219 -6.24 8.60 27.03
N GLU A 220 -6.94 9.04 28.07
CA GLU A 220 -7.12 10.46 28.36
C GLU A 220 -5.85 11.30 28.50
N THR A 221 -4.93 10.86 29.36
CA THR A 221 -3.68 11.61 29.57
C THR A 221 -2.48 10.71 29.78
N VAL A 222 -1.30 11.34 29.75
CA VAL A 222 -0.05 10.63 29.98
C VAL A 222 0.81 11.46 30.91
N GLU A 223 1.73 10.80 31.60
CA GLU A 223 2.67 11.46 32.49
C GLU A 223 3.97 11.56 31.69
N VAL A 224 4.60 12.73 31.72
CA VAL A 224 5.85 12.94 31.00
C VAL A 224 7.01 13.16 31.97
N PHE A 225 8.05 12.36 31.84
CA PHE A 225 9.23 12.47 32.70
C PHE A 225 10.46 12.80 31.87
N PHE A 226 11.36 13.60 32.42
CA PHE A 226 12.56 13.98 31.68
C PHE A 226 13.86 13.51 32.33
N SER A 227 14.86 13.31 31.49
CA SER A 227 16.20 12.93 31.90
C SER A 227 17.02 13.68 30.87
N PRO A 228 18.33 13.74 31.04
CA PRO A 228 19.13 14.47 30.03
C PRO A 228 19.14 13.80 28.66
N SER A 229 19.20 12.47 28.64
CA SER A 229 19.26 11.73 27.39
C SER A 229 17.93 11.31 26.77
N GLN A 230 16.88 11.22 27.57
CA GLN A 230 15.59 10.82 27.03
C GLN A 230 14.37 11.32 27.79
N ILE A 231 13.22 11.18 27.15
CA ILE A 231 11.96 11.58 27.73
C ILE A 231 11.08 10.34 27.77
N LEU A 232 10.33 10.18 28.85
CA LEU A 232 9.45 9.05 29.03
C LEU A 232 7.98 9.51 29.06
N PHE A 233 7.17 8.95 28.17
CA PHE A 233 5.75 9.24 28.15
C PHE A 233 5.13 7.99 28.74
N ARG A 234 4.29 8.14 29.75
CA ARG A 234 3.70 6.99 30.40
C ARG A 234 2.19 7.06 30.68
N SER A 235 1.51 5.96 30.34
CA SER A 235 0.08 5.82 30.58
C SER A 235 0.00 4.70 31.61
N GLU A 236 -1.19 4.17 31.85
CA GLU A 236 -1.32 3.10 32.83
C GLU A 236 -0.56 1.82 32.44
N HIS A 237 -0.63 1.43 31.18
CA HIS A 237 0.05 0.20 30.77
C HIS A 237 1.15 0.37 29.73
N ILE A 238 1.37 1.61 29.30
CA ILE A 238 2.39 1.87 28.29
C ILE A 238 3.46 2.86 28.70
N SER A 239 4.72 2.46 28.51
CA SER A 239 5.85 3.35 28.78
C SER A 239 6.56 3.52 27.45
N PHE A 240 6.61 4.75 26.98
CA PHE A 240 7.22 5.09 25.71
C PHE A 240 8.44 6.00 25.96
N TYR A 241 9.64 5.49 25.65
CA TYR A 241 10.87 6.27 25.83
C TYR A 241 11.38 6.75 24.48
N THR A 242 12.03 7.92 24.49
CA THR A 242 12.59 8.46 23.27
C THR A 242 13.94 9.10 23.52
N ARG A 243 14.90 8.82 22.64
CA ARG A 243 16.24 9.38 22.76
C ARG A 243 16.15 10.87 22.39
N LEU A 244 16.91 11.70 23.09
CA LEU A 244 16.90 13.14 22.84
C LEU A 244 18.06 13.60 21.95
N LEU A 245 17.80 14.62 21.15
CA LEU A 245 18.84 15.18 20.29
C LEU A 245 19.58 16.22 21.13
N GLU A 246 20.88 16.02 21.31
CA GLU A 246 21.66 16.95 22.11
C GLU A 246 22.14 18.12 21.26
N GLY A 247 22.46 19.22 21.92
CA GLY A 247 22.92 20.38 21.20
C GLY A 247 22.07 21.60 21.48
N ASN A 248 22.54 22.73 20.96
CA ASN A 248 21.88 24.01 21.11
C ASN A 248 20.92 24.22 19.94
N TYR A 249 19.62 24.24 20.19
CA TYR A 249 18.66 24.46 19.12
C TYR A 249 18.77 25.93 18.72
N PRO A 250 18.62 26.25 17.42
CA PRO A 250 18.72 27.63 16.98
C PRO A 250 17.69 28.57 17.60
N ASP A 251 18.03 29.86 17.65
CA ASP A 251 17.15 30.88 18.20
C ASP A 251 16.04 31.12 17.18
N THR A 252 14.87 30.53 17.43
CA THR A 252 13.75 30.66 16.52
C THR A 252 12.79 31.80 16.86
N ASP A 253 12.84 32.28 18.12
CA ASP A 253 11.97 33.39 18.51
C ASP A 253 12.34 34.60 17.66
N ARG A 254 13.64 34.74 17.40
CA ARG A 254 14.18 35.84 16.61
C ARG A 254 13.74 35.81 15.15
N LEU A 255 12.90 34.83 14.80
CA LEU A 255 12.42 34.70 13.43
C LEU A 255 10.97 35.15 13.27
N LEU A 256 10.26 35.30 14.38
CA LEU A 256 8.87 35.74 14.30
C LEU A 256 8.78 37.14 13.70
N MET A 257 7.84 37.33 12.79
CA MET A 257 7.67 38.61 12.12
C MET A 257 6.78 39.57 12.91
N THR A 258 7.28 40.78 13.10
CA THR A 258 6.55 41.82 13.84
C THR A 258 5.22 42.12 13.17
N GLU A 259 5.21 43.11 12.28
CA GLU A 259 4.00 43.50 11.59
C GLU A 259 3.85 42.85 10.22
N PHE A 260 2.78 43.21 9.53
CA PHE A 260 2.51 42.70 8.20
C PHE A 260 1.84 43.80 7.39
N GLU A 261 2.09 43.82 6.09
CA GLU A 261 1.54 44.83 5.21
C GLU A 261 0.32 44.34 4.46
N THR A 262 0.17 43.03 4.40
CA THR A 262 -0.95 42.42 3.70
C THR A 262 -1.52 41.24 4.47
N GLU A 263 -2.83 41.05 4.37
CA GLU A 263 -3.51 39.96 5.02
C GLU A 263 -4.61 39.45 4.13
N VAL A 264 -4.72 38.13 4.02
CA VAL A 264 -5.76 37.52 3.22
C VAL A 264 -6.28 36.30 3.97
N VAL A 265 -7.59 36.08 3.89
CA VAL A 265 -8.20 34.93 4.56
C VAL A 265 -8.80 34.03 3.48
N PHE A 266 -8.39 32.78 3.47
CA PHE A 266 -8.89 31.82 2.48
C PHE A 266 -9.56 30.64 3.15
N ASN A 267 -10.32 29.91 2.36
CA ASN A 267 -10.95 28.70 2.85
C ASN A 267 -9.76 27.74 2.84
N THR A 268 -9.43 27.18 4.00
CA THR A 268 -8.27 26.28 4.12
C THR A 268 -8.18 25.21 3.04
N GLN A 269 -9.26 24.47 2.82
CA GLN A 269 -9.28 23.38 1.86
C GLN A 269 -9.17 23.78 0.38
N SER A 270 -9.93 24.79 -0.04
CA SER A 270 -9.90 25.22 -1.44
C SER A 270 -8.51 25.72 -1.82
N LEU A 271 -7.84 26.40 -0.89
CA LEU A 271 -6.50 26.93 -1.16
C LEU A 271 -5.50 25.78 -1.27
N ARG A 272 -5.70 24.73 -0.47
CA ARG A 272 -4.81 23.58 -0.51
C ARG A 272 -4.96 22.89 -1.86
N HIS A 273 -6.20 22.74 -2.32
CA HIS A 273 -6.47 22.11 -3.60
C HIS A 273 -5.82 22.90 -4.74
N ALA A 274 -5.89 24.22 -4.66
CA ALA A 274 -5.30 25.08 -5.68
C ALA A 274 -3.80 24.88 -5.73
N MET A 275 -3.17 24.89 -4.55
CA MET A 275 -1.74 24.72 -4.45
C MET A 275 -1.28 23.33 -4.88
N GLU A 276 -2.14 22.33 -4.72
CA GLU A 276 -1.78 20.98 -5.12
C GLU A 276 -1.63 20.93 -6.65
N ARG A 277 -2.47 21.68 -7.35
CA ARG A 277 -2.39 21.72 -8.82
C ARG A 277 -1.13 22.48 -9.21
N ALA A 278 -0.81 23.51 -8.45
CA ALA A 278 0.37 24.31 -8.72
C ALA A 278 1.61 23.44 -8.60
N PHE A 279 1.58 22.51 -7.65
CA PHE A 279 2.69 21.61 -7.42
C PHE A 279 2.88 20.63 -8.59
N LEU A 280 1.78 20.17 -9.16
CA LEU A 280 1.86 19.23 -10.28
C LEU A 280 2.63 19.78 -11.48
N ILE A 281 2.82 21.09 -11.52
CA ILE A 281 3.56 21.71 -12.62
C ILE A 281 4.91 22.22 -12.18
N SER A 282 4.94 22.85 -11.01
CA SER A 282 6.18 23.40 -10.47
C SER A 282 7.15 22.28 -10.12
N ASN A 283 6.59 21.11 -9.82
CA ASN A 283 7.41 19.96 -9.44
C ASN A 283 8.24 19.47 -10.62
N ALA A 284 7.78 19.77 -11.83
CA ALA A 284 8.48 19.36 -13.04
C ALA A 284 9.87 19.98 -13.03
N THR A 285 9.93 21.25 -12.68
CA THR A 285 11.19 21.98 -12.63
C THR A 285 11.75 22.04 -11.21
N GLN A 286 12.94 21.51 -11.03
CA GLN A 286 13.59 21.52 -9.71
C GLN A 286 13.51 22.93 -9.16
N ASN A 287 13.29 23.03 -7.86
CA ASN A 287 13.19 24.34 -7.21
C ASN A 287 12.01 25.13 -7.79
N GLY A 288 11.10 24.42 -8.44
CA GLY A 288 9.94 25.07 -9.03
C GLY A 288 9.16 25.84 -7.98
N THR A 289 8.53 26.93 -8.40
CA THR A 289 7.77 27.75 -7.46
C THR A 289 6.43 28.19 -8.03
N VAL A 290 5.58 28.69 -7.14
CA VAL A 290 4.27 29.19 -7.55
C VAL A 290 4.36 30.70 -7.34
N LYS A 291 3.60 31.46 -8.13
CA LYS A 291 3.60 32.91 -8.04
C LYS A 291 2.24 33.43 -7.61
N LEU A 292 2.19 34.06 -6.44
CA LEU A 292 0.95 34.58 -5.92
C LEU A 292 0.85 36.08 -6.20
N GLU A 293 -0.18 36.47 -6.96
CA GLU A 293 -0.39 37.86 -7.30
C GLU A 293 -1.60 38.43 -6.57
N ILE A 294 -1.33 39.28 -5.58
CA ILE A 294 -2.37 39.88 -4.77
C ILE A 294 -2.62 41.35 -5.11
N THR A 295 -3.83 41.64 -5.56
CA THR A 295 -4.22 43.01 -5.90
C THR A 295 -5.64 43.22 -5.39
N GLN A 296 -6.09 44.48 -5.41
CA GLN A 296 -7.44 44.80 -4.94
C GLN A 296 -8.49 43.86 -5.55
N ASN A 297 -9.08 43.04 -4.70
CA ASN A 297 -10.12 42.10 -5.13
C ASN A 297 -9.71 41.26 -6.33
N HIS A 298 -8.54 40.65 -6.24
CA HIS A 298 -8.03 39.81 -7.32
C HIS A 298 -6.78 39.06 -6.86
N ILE A 299 -6.94 37.78 -6.57
CA ILE A 299 -5.85 36.95 -6.13
C ILE A 299 -5.72 35.79 -7.12
N SER A 300 -4.51 35.54 -7.61
CA SER A 300 -4.30 34.47 -8.57
C SER A 300 -2.97 33.73 -8.40
N ALA A 301 -2.96 32.46 -8.76
CA ALA A 301 -1.77 31.62 -8.67
C ALA A 301 -1.24 31.38 -10.07
N HIS A 302 0.09 31.34 -10.21
CA HIS A 302 0.69 31.15 -11.51
C HIS A 302 1.95 30.28 -11.45
N VAL A 303 2.06 29.39 -12.42
CA VAL A 303 3.22 28.52 -12.52
C VAL A 303 3.52 28.39 -14.00
N ASN A 304 4.80 28.39 -14.34
CA ASN A 304 5.16 28.26 -15.75
C ASN A 304 6.36 27.35 -15.95
N SER A 305 6.10 26.13 -16.37
CA SER A 305 7.17 25.17 -16.62
C SER A 305 7.42 25.11 -18.11
N PRO A 306 8.59 25.59 -18.55
CA PRO A 306 9.00 25.62 -19.96
C PRO A 306 8.77 24.33 -20.75
N GLU A 307 8.78 23.18 -20.07
CA GLU A 307 8.57 21.91 -20.75
C GLU A 307 7.13 21.38 -20.73
N VAL A 308 6.67 20.99 -19.54
CA VAL A 308 5.34 20.42 -19.38
C VAL A 308 4.13 21.35 -19.55
N GLY A 309 4.17 22.54 -18.97
CA GLY A 309 3.03 23.43 -19.11
C GLY A 309 2.98 24.67 -18.24
N LYS A 310 1.78 25.23 -18.09
CA LYS A 310 1.57 26.44 -17.31
C LYS A 310 0.33 26.36 -16.43
N VAL A 311 0.28 27.23 -15.41
CA VAL A 311 -0.85 27.29 -14.49
C VAL A 311 -1.28 28.72 -14.22
N ASN A 312 -2.56 29.00 -14.51
CA ASN A 312 -3.16 30.32 -14.30
C ASN A 312 -4.47 30.04 -13.57
N GLU A 313 -4.51 30.34 -12.27
CA GLU A 313 -5.70 30.07 -11.49
C GLU A 313 -6.13 31.18 -10.54
N ASP A 314 -7.38 31.62 -10.68
CA ASP A 314 -7.96 32.66 -9.82
C ASP A 314 -8.30 32.02 -8.48
N LEU A 315 -7.86 32.61 -7.38
CA LEU A 315 -8.13 32.07 -6.06
C LEU A 315 -9.27 32.79 -5.34
N ASP A 316 -10.26 32.00 -4.89
CA ASP A 316 -11.40 32.56 -4.16
C ASP A 316 -10.91 32.90 -2.76
N ILE A 317 -11.36 34.03 -2.22
CA ILE A 317 -10.92 34.43 -0.87
C ILE A 317 -12.08 34.77 0.06
N VAL A 318 -11.76 34.87 1.35
CA VAL A 318 -12.74 35.20 2.36
C VAL A 318 -12.72 36.71 2.62
N SER A 319 -11.53 37.27 2.74
CA SER A 319 -11.39 38.70 2.96
C SER A 319 -9.93 39.10 2.78
N GLN A 320 -9.69 40.35 2.44
CA GLN A 320 -8.33 40.83 2.25
C GLN A 320 -8.19 42.25 2.77
N SER A 321 -6.94 42.68 2.92
CA SER A 321 -6.65 44.02 3.40
C SER A 321 -5.15 44.26 3.26
N GLY A 322 -4.77 45.53 3.14
CA GLY A 322 -3.37 45.85 2.97
C GLY A 322 -3.04 46.15 1.53
N SER A 323 -1.74 46.29 1.24
CA SER A 323 -1.27 46.59 -0.10
C SER A 323 -1.17 45.39 -1.02
N ASP A 324 -1.12 45.68 -2.32
CA ASP A 324 -0.99 44.65 -3.33
C ASP A 324 0.38 44.00 -3.16
N LEU A 325 0.52 42.77 -3.67
CA LEU A 325 1.79 42.06 -3.54
C LEU A 325 1.88 40.86 -4.46
N THR A 326 3.10 40.57 -4.89
CA THR A 326 3.37 39.42 -5.75
C THR A 326 4.46 38.67 -5.01
N ILE A 327 4.22 37.41 -4.69
CA ILE A 327 5.23 36.64 -3.98
C ILE A 327 5.37 35.21 -4.53
N SER A 328 6.59 34.70 -4.49
CA SER A 328 6.88 33.35 -5.00
C SER A 328 7.45 32.48 -3.90
N PHE A 329 6.96 31.24 -3.82
CA PHE A 329 7.41 30.32 -2.80
C PHE A 329 7.22 28.87 -3.26
N ASN A 330 7.89 27.94 -2.61
CA ASN A 330 7.74 26.53 -2.96
C ASN A 330 6.40 26.04 -2.42
N PRO A 331 5.45 25.74 -3.32
CA PRO A 331 4.09 25.27 -3.01
C PRO A 331 3.97 24.13 -1.98
N THR A 332 4.84 23.12 -2.07
CA THR A 332 4.79 21.99 -1.14
C THR A 332 4.74 22.46 0.32
N TYR A 333 5.46 23.54 0.60
CA TYR A 333 5.52 24.11 1.94
C TYR A 333 4.14 24.62 2.38
N LEU A 334 3.45 25.32 1.48
CA LEU A 334 2.14 25.85 1.78
C LEU A 334 1.14 24.71 1.91
N ILE A 335 1.24 23.74 1.02
CA ILE A 335 0.36 22.57 1.03
C ILE A 335 0.43 21.89 2.39
N GLU A 336 1.64 21.63 2.86
CA GLU A 336 1.82 20.97 4.16
C GLU A 336 1.34 21.84 5.33
N SER A 337 1.52 23.15 5.23
CA SER A 337 1.06 24.06 6.29
C SER A 337 -0.46 24.04 6.36
N LEU A 338 -1.11 24.00 5.20
CA LEU A 338 -2.56 23.98 5.14
C LEU A 338 -3.12 22.65 5.66
N LYS A 339 -2.40 21.56 5.40
CA LYS A 339 -2.86 20.26 5.85
C LYS A 339 -2.89 20.25 7.38
N ALA A 340 -1.97 20.99 7.99
CA ALA A 340 -1.90 21.07 9.45
C ALA A 340 -2.94 21.99 10.10
N ILE A 341 -3.72 22.70 9.30
CA ILE A 341 -4.75 23.60 9.84
C ILE A 341 -6.12 22.95 9.82
N LYS A 342 -6.69 22.70 10.99
CA LYS A 342 -8.01 22.07 11.08
C LYS A 342 -9.16 23.03 10.84
N SER A 343 -8.94 24.32 11.08
CA SER A 343 -10.00 25.31 10.90
C SER A 343 -10.44 25.50 9.46
N GLU A 344 -11.72 25.84 9.29
CA GLU A 344 -12.27 26.06 7.96
C GLU A 344 -11.54 27.16 7.21
N THR A 345 -11.00 28.14 7.94
CA THR A 345 -10.29 29.24 7.28
C THR A 345 -8.87 29.41 7.79
N VAL A 346 -8.05 30.09 7.00
CA VAL A 346 -6.67 30.36 7.38
C VAL A 346 -6.36 31.83 7.10
N LYS A 347 -5.61 32.46 8.00
CA LYS A 347 -5.25 33.85 7.87
C LYS A 347 -3.78 33.97 7.48
N ILE A 348 -3.50 34.58 6.32
CA ILE A 348 -2.12 34.71 5.89
C ILE A 348 -1.66 36.15 5.93
N HIS A 349 -0.50 36.37 6.56
CA HIS A 349 0.07 37.70 6.70
C HIS A 349 1.39 37.82 5.95
N PHE A 350 1.45 38.75 4.99
CA PHE A 350 2.65 38.97 4.19
C PHE A 350 3.33 40.31 4.46
N LEU A 351 4.64 40.33 4.28
CA LEU A 351 5.44 41.55 4.40
C LEU A 351 5.89 41.85 2.98
N SER A 352 7.18 41.69 2.71
CA SER A 352 7.72 41.96 1.37
C SER A 352 7.89 40.66 0.57
N PRO A 353 8.10 40.78 -0.74
CA PRO A 353 8.27 39.61 -1.61
C PRO A 353 9.38 38.67 -1.13
N VAL A 354 10.36 39.21 -0.40
CA VAL A 354 11.46 38.40 0.09
C VAL A 354 11.43 38.15 1.61
N ARG A 355 10.29 38.38 2.23
CA ARG A 355 10.18 38.14 3.67
C ARG A 355 9.25 36.98 3.97
N PRO A 356 9.54 36.25 5.04
CA PRO A 356 8.69 35.11 5.41
C PRO A 356 7.26 35.56 5.70
N PHE A 357 6.28 34.82 5.16
CA PHE A 357 4.88 35.14 5.40
C PHE A 357 4.32 34.12 6.39
N THR A 358 3.50 34.60 7.32
CA THR A 358 2.92 33.73 8.35
C THR A 358 1.51 33.27 8.09
N LEU A 359 1.16 32.13 8.68
CA LEU A 359 -0.15 31.54 8.54
C LEU A 359 -0.66 31.19 9.94
N THR A 360 -1.93 31.47 10.21
CA THR A 360 -2.52 31.15 11.50
C THR A 360 -3.95 30.71 11.24
N PRO A 361 -4.45 29.79 12.06
CA PRO A 361 -5.82 29.29 11.91
C PRO A 361 -6.83 30.43 11.92
N GLY A 362 -7.91 30.29 11.15
CA GLY A 362 -8.91 31.34 11.08
C GLY A 362 -9.82 31.46 12.29
N ASP A 363 -10.11 30.35 12.93
CA ASP A 363 -10.98 30.34 14.10
C ASP A 363 -10.25 30.78 15.37
N GLU A 364 -8.98 31.13 15.22
CA GLU A 364 -8.17 31.56 16.35
C GLU A 364 -8.51 30.89 17.68
N GLU A 365 -8.41 29.56 17.72
CA GLU A 365 -8.68 28.82 18.94
C GLU A 365 -7.37 28.32 19.51
N GLU A 366 -6.32 28.43 18.70
CA GLU A 366 -5.00 28.00 19.11
C GLU A 366 -3.98 29.08 18.77
N SER A 367 -2.88 29.12 19.53
CA SER A 367 -1.80 30.05 19.27
C SER A 367 -0.87 29.22 18.38
N PHE A 368 -1.30 29.01 17.15
CA PHE A 368 -0.55 28.21 16.18
C PHE A 368 -0.10 29.10 15.04
N ILE A 369 1.21 29.31 14.96
CA ILE A 369 1.79 30.14 13.92
C ILE A 369 2.78 29.35 13.07
N GLN A 370 2.67 29.49 11.76
CA GLN A 370 3.58 28.83 10.84
C GLN A 370 4.23 29.91 9.98
N LEU A 371 5.52 29.71 9.67
CA LEU A 371 6.31 30.67 8.90
C LEU A 371 6.88 29.99 7.64
N ILE A 372 6.72 30.64 6.49
CA ILE A 372 7.23 30.10 5.23
C ILE A 372 8.08 31.12 4.49
N THR A 373 9.32 30.74 4.20
CA THR A 373 10.23 31.63 3.48
C THR A 373 9.96 31.56 1.99
N PRO A 374 9.81 32.73 1.34
CA PRO A 374 9.54 32.83 -0.08
C PRO A 374 10.79 32.71 -0.95
N VAL A 375 10.60 32.74 -2.27
CA VAL A 375 11.70 32.64 -3.22
C VAL A 375 11.87 33.94 -4.00
N ARG A 376 13.06 34.53 -3.94
CA ARG A 376 13.32 35.77 -4.67
C ARG A 376 13.22 35.49 -6.15
N THR A 377 12.12 35.91 -6.77
CA THR A 377 11.90 35.70 -8.20
C THR A 377 12.90 36.50 -9.03
N ILE B 2 -8.19 20.19 -31.54
CA ILE B 2 -9.06 19.50 -30.59
C ILE B 2 -9.84 20.49 -29.71
N GLN B 3 -11.12 20.18 -29.48
CA GLN B 3 -11.98 20.99 -28.63
C GLN B 3 -13.17 20.15 -28.17
N PHE B 4 -13.22 19.88 -26.85
CA PHE B 4 -14.32 19.09 -26.30
C PHE B 4 -14.43 19.31 -24.78
N SER B 5 -15.63 19.07 -24.25
CA SER B 5 -15.91 19.24 -22.82
C SER B 5 -16.45 17.92 -22.28
N ILE B 6 -15.92 17.47 -21.15
CA ILE B 6 -16.35 16.20 -20.58
C ILE B 6 -16.40 16.17 -19.06
N ASN B 7 -17.32 15.36 -18.53
CA ASN B 7 -17.46 15.18 -17.09
C ASN B 7 -16.14 14.60 -16.56
N ARG B 8 -15.55 15.25 -15.58
CA ARG B 8 -14.28 14.81 -15.01
C ARG B 8 -14.24 13.37 -14.52
N THR B 9 -15.16 13.02 -13.63
CA THR B 9 -15.22 11.66 -13.10
C THR B 9 -15.16 10.62 -14.21
N LEU B 10 -16.12 10.71 -15.14
CA LEU B 10 -16.20 9.79 -16.27
C LEU B 10 -14.89 9.73 -17.06
N PHE B 11 -14.19 10.86 -17.12
CA PHE B 11 -12.93 10.96 -17.85
C PHE B 11 -11.79 10.28 -17.09
N ILE B 12 -11.82 10.37 -15.76
CA ILE B 12 -10.78 9.75 -14.95
C ILE B 12 -10.86 8.23 -14.98
N HIS B 13 -12.07 7.70 -15.13
CA HIS B 13 -12.26 6.26 -15.17
C HIS B 13 -11.67 5.68 -16.46
N ALA B 14 -12.07 6.27 -17.58
CA ALA B 14 -11.57 5.84 -18.89
C ALA B 14 -10.05 5.94 -18.92
N LEU B 15 -9.53 7.02 -18.35
CA LEU B 15 -8.09 7.24 -18.32
C LEU B 15 -7.38 6.20 -17.44
N ASN B 16 -7.96 5.88 -16.29
CA ASN B 16 -7.35 4.89 -15.40
C ASN B 16 -7.25 3.53 -16.08
N THR B 17 -8.32 3.14 -16.76
CA THR B 17 -8.35 1.86 -17.46
C THR B 17 -7.25 1.82 -18.52
N THR B 18 -7.17 2.88 -19.33
CA THR B 18 -6.16 2.97 -20.39
C THR B 18 -4.75 2.95 -19.83
N LYS B 19 -4.56 3.59 -18.67
CA LYS B 19 -3.23 3.67 -18.05
C LYS B 19 -2.66 2.31 -17.65
N ARG B 20 -3.51 1.30 -17.56
CA ARG B 20 -3.03 -0.03 -17.19
C ARG B 20 -2.10 -0.58 -18.24
N ALA B 21 -2.16 -0.02 -19.44
CA ALA B 21 -1.31 -0.46 -20.54
C ALA B 21 -0.04 0.39 -20.69
N ILE B 22 0.17 1.34 -19.78
CA ILE B 22 1.34 2.20 -19.84
C ILE B 22 2.29 1.98 -18.67
N SER B 23 3.49 1.50 -18.98
CA SER B 23 4.51 1.22 -17.97
C SER B 23 5.09 2.47 -17.32
N THR B 24 5.58 2.33 -16.09
CA THR B 24 6.15 3.44 -15.36
C THR B 24 7.49 3.81 -15.98
N LYS B 25 8.17 2.81 -16.54
CA LYS B 25 9.46 3.00 -17.19
C LYS B 25 9.30 2.47 -18.62
N ASN B 26 9.70 3.27 -19.59
CA ASN B 26 9.56 2.86 -20.99
C ASN B 26 10.84 2.98 -21.81
N ALA B 27 11.40 1.84 -22.20
CA ALA B 27 12.61 1.82 -23.00
C ALA B 27 12.30 2.55 -24.29
N ILE B 28 11.03 2.54 -24.68
CA ILE B 28 10.60 3.24 -25.89
C ILE B 28 9.87 4.48 -25.41
N PRO B 29 10.61 5.59 -25.25
CA PRO B 29 10.12 6.89 -24.80
C PRO B 29 8.68 7.27 -25.13
N ILE B 30 8.37 7.39 -26.41
CA ILE B 30 7.03 7.77 -26.85
C ILE B 30 5.88 6.95 -26.22
N LEU B 31 6.18 5.77 -25.71
CA LEU B 31 5.15 4.93 -25.10
C LEU B 31 4.74 5.31 -23.68
N SER B 32 5.34 6.37 -23.14
CA SER B 32 5.00 6.84 -21.81
C SER B 32 3.83 7.80 -21.96
N SER B 33 3.50 8.10 -23.20
CA SER B 33 2.42 9.03 -23.52
C SER B 33 1.11 8.31 -23.78
N ILE B 34 0.01 9.04 -23.69
CA ILE B 34 -1.31 8.47 -23.97
C ILE B 34 -1.83 9.15 -25.21
N LYS B 35 -2.42 8.38 -26.11
CA LYS B 35 -2.94 8.95 -27.34
C LYS B 35 -4.38 9.38 -27.13
N ILE B 36 -4.68 10.62 -27.51
CA ILE B 36 -6.03 11.15 -27.40
C ILE B 36 -6.51 11.49 -28.79
N GLU B 37 -7.52 10.76 -29.25
CA GLU B 37 -8.07 11.01 -30.58
C GLU B 37 -9.53 11.35 -30.43
N VAL B 38 -9.99 12.32 -31.23
CA VAL B 38 -11.38 12.71 -31.16
C VAL B 38 -11.97 12.95 -32.54
N THR B 39 -13.10 12.31 -32.79
CA THR B 39 -13.83 12.46 -34.03
C THR B 39 -15.20 12.90 -33.55
N SER B 40 -16.16 13.00 -34.47
CA SER B 40 -17.50 13.46 -34.11
C SER B 40 -18.30 12.59 -33.13
N THR B 41 -17.96 11.32 -32.99
CA THR B 41 -18.72 10.44 -32.12
C THR B 41 -18.21 10.23 -30.69
N GLY B 42 -16.95 10.53 -30.43
CA GLY B 42 -16.43 10.35 -29.09
C GLY B 42 -14.94 10.53 -28.93
N VAL B 43 -14.44 10.25 -27.72
CA VAL B 43 -13.03 10.38 -27.42
C VAL B 43 -12.41 9.00 -27.27
N THR B 44 -11.31 8.75 -27.98
CA THR B 44 -10.65 7.46 -27.91
C THR B 44 -9.26 7.62 -27.31
N LEU B 45 -9.02 6.88 -26.23
CA LEU B 45 -7.74 6.92 -25.54
C LEU B 45 -6.92 5.68 -25.90
N THR B 46 -5.61 5.84 -26.01
CA THR B 46 -4.77 4.69 -26.33
C THR B 46 -3.45 4.71 -25.58
N GLY B 47 -3.16 3.61 -24.91
CA GLY B 47 -1.92 3.47 -24.17
C GLY B 47 -1.30 2.16 -24.56
N SER B 48 0.00 2.02 -24.34
CA SER B 48 0.70 0.78 -24.69
C SER B 48 2.09 0.70 -24.10
N ASN B 49 2.58 -0.52 -23.95
CA ASN B 49 3.90 -0.75 -23.38
C ASN B 49 4.65 -1.76 -24.24
N GLY B 50 4.11 -2.07 -25.40
CA GLY B 50 4.77 -3.01 -26.28
C GLY B 50 4.36 -4.45 -26.09
N GLN B 51 3.67 -4.74 -24.99
CA GLN B 51 3.21 -6.09 -24.71
C GLN B 51 1.70 -6.12 -24.82
N ILE B 52 1.06 -5.05 -24.34
CA ILE B 52 -0.39 -4.94 -24.40
C ILE B 52 -0.75 -3.52 -24.84
N SER B 53 -1.91 -3.37 -25.43
CA SER B 53 -2.36 -2.06 -25.88
C SER B 53 -3.86 -1.92 -25.60
N ILE B 54 -4.25 -0.78 -25.05
CA ILE B 54 -5.64 -0.54 -24.76
C ILE B 54 -6.16 0.66 -25.53
N GLU B 55 -7.31 0.45 -26.17
CA GLU B 55 -7.97 1.47 -26.94
C GLU B 55 -9.34 1.59 -26.29
N ASN B 56 -9.56 2.67 -25.56
CA ASN B 56 -10.82 2.86 -24.86
C ASN B 56 -11.61 4.03 -25.44
N THR B 57 -12.84 3.74 -25.85
CA THR B 57 -13.70 4.75 -26.47
C THR B 57 -14.79 5.32 -25.59
N ILE B 58 -14.79 6.63 -25.45
CA ILE B 58 -15.80 7.33 -24.66
C ILE B 58 -16.80 7.89 -25.65
N PRO B 59 -18.02 7.35 -25.67
CA PRO B 59 -19.09 7.78 -26.58
C PRO B 59 -19.77 9.08 -26.14
N VAL B 60 -20.03 9.96 -27.10
CA VAL B 60 -20.69 11.23 -26.81
C VAL B 60 -22.09 11.00 -26.24
N GLY B 66 -22.42 14.39 -20.50
CA GLY B 66 -21.17 13.87 -19.99
C GLY B 66 -20.02 14.17 -20.92
N LEU B 67 -20.34 14.34 -22.20
CA LEU B 67 -19.34 14.64 -23.21
C LEU B 67 -19.93 15.27 -24.46
N LEU B 68 -19.40 16.43 -24.83
CA LEU B 68 -19.84 17.13 -26.03
C LEU B 68 -18.57 17.56 -26.76
N ILE B 69 -18.50 17.22 -28.05
CA ILE B 69 -17.34 17.55 -28.85
C ILE B 69 -17.57 18.71 -29.80
N THR B 70 -16.57 19.59 -29.88
CA THR B 70 -16.65 20.77 -30.73
C THR B 70 -15.87 20.58 -32.03
N SER B 71 -14.62 20.13 -31.93
CA SER B 71 -13.80 19.93 -33.11
C SER B 71 -12.87 18.74 -32.98
N PRO B 72 -12.79 17.92 -34.04
CA PRO B 72 -11.95 16.72 -34.10
C PRO B 72 -10.46 17.02 -33.98
N GLY B 73 -9.67 16.00 -33.67
CA GLY B 73 -8.25 16.19 -33.54
C GLY B 73 -7.54 15.02 -32.86
N ALA B 74 -6.22 15.09 -32.79
CA ALA B 74 -5.43 14.05 -32.16
C ALA B 74 -4.15 14.61 -31.56
N ILE B 75 -3.78 14.10 -30.38
CA ILE B 75 -2.56 14.55 -29.70
C ILE B 75 -2.05 13.54 -28.67
N LEU B 76 -0.75 13.59 -28.37
CA LEU B 76 -0.14 12.69 -27.40
C LEU B 76 0.32 13.48 -26.16
N LEU B 77 0.01 12.96 -24.97
CA LEU B 77 0.39 13.63 -23.73
C LEU B 77 0.97 12.64 -22.73
N GLU B 78 1.94 13.10 -21.93
CA GLU B 78 2.53 12.23 -20.92
C GLU B 78 1.37 11.72 -20.08
N ALA B 79 1.16 10.40 -20.12
CA ALA B 79 0.09 9.73 -19.39
C ALA B 79 -0.07 10.12 -17.92
N SER B 80 0.76 9.55 -17.05
CA SER B 80 0.69 9.83 -15.62
C SER B 80 0.49 11.31 -15.32
N PHE B 81 1.36 12.14 -15.87
CA PHE B 81 1.30 13.58 -15.68
C PHE B 81 -0.09 14.14 -15.99
N PHE B 82 -0.61 13.82 -17.17
CA PHE B 82 -1.93 14.29 -17.59
C PHE B 82 -3.03 13.74 -16.71
N ILE B 83 -2.94 12.47 -16.36
CA ILE B 83 -3.94 11.85 -15.52
C ILE B 83 -3.96 12.52 -14.16
N ASN B 84 -2.79 12.80 -13.59
CA ASN B 84 -2.74 13.47 -12.30
C ASN B 84 -3.45 14.81 -12.43
N ILE B 85 -3.06 15.59 -13.42
CA ILE B 85 -3.65 16.90 -13.67
C ILE B 85 -5.17 16.86 -13.71
N ILE B 86 -5.74 15.99 -14.54
CA ILE B 86 -7.19 15.89 -14.67
C ILE B 86 -7.85 15.58 -13.32
N SER B 87 -7.26 14.67 -12.57
CA SER B 87 -7.80 14.30 -11.27
C SER B 87 -7.86 15.48 -10.29
N SER B 88 -6.92 16.40 -10.41
CA SER B 88 -6.86 17.56 -9.52
C SER B 88 -7.68 18.75 -9.98
N LEU B 89 -8.41 18.61 -11.08
CA LEU B 89 -9.21 19.72 -11.59
C LEU B 89 -10.43 20.00 -10.74
N PRO B 90 -10.67 21.29 -10.45
CA PRO B 90 -11.74 21.91 -9.66
C PRO B 90 -13.18 21.42 -9.82
N ASP B 91 -13.86 21.91 -10.85
CA ASP B 91 -15.25 21.55 -11.10
C ASP B 91 -15.45 20.21 -11.77
N ILE B 92 -16.68 19.71 -11.73
CA ILE B 92 -17.03 18.43 -12.33
C ILE B 92 -16.78 18.43 -13.83
N SER B 93 -16.97 19.57 -14.47
CA SER B 93 -16.77 19.68 -15.91
C SER B 93 -15.37 20.16 -16.26
N ILE B 94 -14.89 19.75 -17.42
CA ILE B 94 -13.57 20.13 -17.88
C ILE B 94 -13.60 20.45 -19.36
N ASN B 95 -12.93 21.53 -19.75
CA ASN B 95 -12.90 21.89 -21.16
C ASN B 95 -11.52 21.66 -21.74
N VAL B 96 -11.46 20.82 -22.76
CA VAL B 96 -10.21 20.50 -23.42
C VAL B 96 -10.16 21.22 -24.77
N LYS B 97 -9.15 22.07 -24.95
CA LYS B 97 -8.99 22.83 -26.17
C LYS B 97 -7.53 22.91 -26.58
N GLU B 98 -7.22 22.38 -27.76
CA GLU B 98 -5.86 22.39 -28.28
C GLU B 98 -5.53 23.72 -28.96
N ILE B 99 -4.28 24.18 -28.79
CA ILE B 99 -3.83 25.42 -29.42
C ILE B 99 -2.53 25.14 -30.18
N GLU B 100 -1.99 26.17 -30.82
CA GLU B 100 -0.77 26.04 -31.61
C GLU B 100 0.37 25.31 -30.93
N GLN B 101 1.15 24.58 -31.72
CA GLN B 101 2.30 23.83 -31.23
C GLN B 101 1.91 22.67 -30.32
N HIS B 102 0.81 22.01 -30.67
CA HIS B 102 0.29 20.86 -29.92
C HIS B 102 0.24 21.08 -28.41
N GLN B 103 -0.46 22.13 -28.00
CA GLN B 103 -0.62 22.45 -26.59
C GLN B 103 -2.10 22.33 -26.25
N VAL B 104 -2.38 21.72 -25.09
CA VAL B 104 -3.77 21.55 -24.67
C VAL B 104 -4.08 22.47 -23.50
N VAL B 105 -5.22 23.15 -23.59
CA VAL B 105 -5.65 24.06 -22.54
C VAL B 105 -6.85 23.46 -21.82
N LEU B 106 -6.61 22.98 -20.61
CA LEU B 106 -7.67 22.37 -19.82
C LEU B 106 -8.24 23.45 -18.92
N THR B 107 -9.56 23.55 -18.86
CA THR B 107 -10.21 24.55 -18.03
C THR B 107 -11.37 23.99 -17.23
N SER B 108 -11.25 24.08 -15.91
CA SER B 108 -12.29 23.61 -15.00
C SER B 108 -12.34 24.57 -13.83
N GLY B 109 -13.55 24.97 -13.43
CA GLY B 109 -13.67 25.90 -12.33
C GLY B 109 -12.98 27.20 -12.70
N LYS B 110 -12.13 27.70 -11.80
CA LYS B 110 -11.40 28.94 -12.02
C LYS B 110 -9.95 28.63 -12.36
N SER B 111 -9.69 27.36 -12.62
CA SER B 111 -8.33 26.90 -12.94
C SER B 111 -8.14 26.63 -14.42
N GLU B 112 -7.02 27.11 -14.95
CA GLU B 112 -6.67 26.90 -16.35
C GLU B 112 -5.23 26.41 -16.41
N ILE B 113 -5.03 25.25 -17.03
CA ILE B 113 -3.70 24.68 -17.15
C ILE B 113 -3.41 24.26 -18.58
N THR B 114 -2.23 24.63 -19.06
CA THR B 114 -1.83 24.29 -20.41
C THR B 114 -0.67 23.31 -20.40
N LEU B 115 -0.82 22.24 -21.16
CA LEU B 115 0.21 21.20 -21.26
C LEU B 115 0.73 21.11 -22.69
N LYS B 116 2.03 20.82 -22.81
CA LYS B 116 2.63 20.68 -24.12
C LYS B 116 2.65 19.21 -24.51
N GLY B 117 2.05 18.90 -25.65
CA GLY B 117 2.01 17.53 -26.11
C GLY B 117 2.88 17.38 -27.34
N LYS B 118 2.72 16.26 -28.04
CA LYS B 118 3.48 15.99 -29.25
C LYS B 118 2.48 15.45 -30.27
N ASP B 119 2.88 15.37 -31.53
CA ASP B 119 1.98 14.88 -32.58
C ASP B 119 1.86 13.35 -32.57
N VAL B 120 0.66 12.87 -32.90
CA VAL B 120 0.38 11.43 -32.94
C VAL B 120 1.26 10.65 -33.89
N ASP B 121 1.68 11.29 -34.97
CA ASP B 121 2.53 10.68 -36.00
C ASP B 121 3.64 9.80 -35.45
N GLN B 122 4.19 10.18 -34.30
CA GLN B 122 5.28 9.42 -33.69
C GLN B 122 4.85 8.28 -32.77
N TYR B 123 3.56 7.95 -32.77
CA TYR B 123 3.07 6.87 -31.93
C TYR B 123 2.81 5.63 -32.77
N PRO B 124 3.42 4.49 -32.39
CA PRO B 124 3.25 3.24 -33.13
C PRO B 124 1.78 2.98 -33.45
N ARG B 125 1.50 2.54 -34.67
CA ARG B 125 0.12 2.26 -35.07
C ARG B 125 -0.23 0.81 -34.73
N LEU B 126 -1.49 0.58 -34.37
CA LEU B 126 -1.94 -0.77 -34.01
C LEU B 126 -1.97 -1.71 -35.21
N GLN B 127 -1.86 -3.00 -34.92
CA GLN B 127 -1.90 -4.03 -35.95
C GLN B 127 -3.36 -4.28 -36.26
N GLU B 128 -3.64 -4.79 -37.46
CA GLU B 128 -5.01 -5.08 -37.85
C GLU B 128 -5.29 -6.57 -37.66
N VAL B 129 -5.76 -6.95 -36.47
CA VAL B 129 -6.07 -8.36 -36.17
C VAL B 129 -7.29 -8.83 -36.97
N SER B 130 -7.25 -10.06 -37.50
CA SER B 130 -8.34 -10.62 -38.32
C SER B 130 -9.75 -10.21 -37.92
N THR B 131 -10.44 -9.63 -38.90
CA THR B 131 -11.80 -9.09 -38.77
C THR B 131 -12.94 -10.12 -38.79
N GLU B 132 -12.61 -11.41 -38.71
CA GLU B 132 -13.63 -12.44 -38.78
C GLU B 132 -14.43 -12.75 -37.53
N ASN B 133 -15.51 -13.48 -37.77
CA ASN B 133 -16.45 -13.89 -36.73
C ASN B 133 -15.64 -14.47 -35.57
N PRO B 134 -15.41 -13.64 -34.54
CA PRO B 134 -14.67 -13.93 -33.30
C PRO B 134 -15.33 -14.96 -32.41
N LEU B 135 -14.65 -15.25 -31.31
CA LEU B 135 -15.16 -16.17 -30.32
C LEU B 135 -15.93 -15.27 -29.37
N ILE B 136 -17.15 -15.65 -29.02
CA ILE B 136 -17.90 -14.84 -28.09
C ILE B 136 -17.77 -15.53 -26.73
N LEU B 137 -17.26 -14.80 -25.75
CA LEU B 137 -17.09 -15.36 -24.42
C LEU B 137 -17.70 -14.45 -23.38
N LYS B 138 -18.30 -15.06 -22.36
CA LYS B 138 -18.90 -14.33 -21.26
C LYS B 138 -17.75 -13.82 -20.39
N THR B 139 -17.78 -12.54 -20.04
CA THR B 139 -16.73 -11.94 -19.25
C THR B 139 -16.46 -12.60 -17.89
N LYS B 140 -17.50 -13.00 -17.17
CA LYS B 140 -17.29 -13.63 -15.88
C LYS B 140 -16.66 -15.02 -16.02
N LEU B 141 -16.92 -15.69 -17.13
CA LEU B 141 -16.34 -17.03 -17.36
C LEU B 141 -14.86 -16.88 -17.65
N LEU B 142 -14.52 -15.90 -18.49
CA LEU B 142 -13.14 -15.65 -18.85
C LEU B 142 -12.34 -15.21 -17.62
N LYS B 143 -12.95 -14.37 -16.79
CA LYS B 143 -12.26 -13.91 -15.58
C LYS B 143 -12.10 -15.05 -14.59
N SER B 144 -13.02 -16.00 -14.65
CA SER B 144 -12.95 -17.21 -13.80
C SER B 144 -11.80 -18.09 -14.25
N ILE B 145 -11.70 -18.30 -15.56
CA ILE B 145 -10.63 -19.11 -16.16
C ILE B 145 -9.26 -18.53 -15.81
N ILE B 146 -9.17 -17.21 -15.91
CA ILE B 146 -7.93 -16.48 -15.62
C ILE B 146 -7.52 -16.60 -14.14
N ALA B 147 -8.48 -16.43 -13.22
CA ALA B 147 -8.16 -16.54 -11.80
C ALA B 147 -7.72 -17.95 -11.44
N GLU B 148 -8.19 -18.93 -12.21
CA GLU B 148 -7.85 -20.32 -11.94
C GLU B 148 -6.58 -20.84 -12.63
N THR B 149 -6.07 -20.10 -13.61
CA THR B 149 -4.89 -20.59 -14.32
C THR B 149 -3.65 -19.68 -14.35
N ALA B 150 -3.83 -18.39 -14.59
CA ALA B 150 -2.71 -17.45 -14.66
C ALA B 150 -1.62 -17.62 -13.60
N PHE B 151 -2.03 -17.88 -12.35
CA PHE B 151 -1.09 -18.04 -11.25
C PHE B 151 -0.22 -19.30 -11.37
N ALA B 152 -0.73 -20.33 -12.04
CA ALA B 152 0.05 -21.55 -12.17
C ALA B 152 1.17 -21.44 -13.21
N ALA B 153 1.09 -20.43 -14.07
CA ALA B 153 2.12 -20.24 -15.11
C ALA B 153 3.45 -19.88 -14.45
N SER B 154 4.56 -20.37 -14.99
CA SER B 154 5.87 -20.07 -14.42
C SER B 154 6.17 -18.57 -14.46
N LEU B 155 6.99 -18.10 -13.52
CA LEU B 155 7.36 -16.68 -13.44
C LEU B 155 8.78 -16.43 -13.97
N GLN B 156 9.51 -17.51 -14.25
CA GLN B 156 10.87 -17.38 -14.76
C GLN B 156 10.91 -17.45 -16.28
N GLU B 157 11.45 -16.41 -16.90
CA GLU B 157 11.54 -16.31 -18.35
C GLU B 157 12.45 -17.36 -18.96
N SER B 158 13.07 -18.17 -18.11
CA SER B 158 13.96 -19.23 -18.57
C SER B 158 13.32 -19.96 -19.75
N ARG B 159 12.04 -20.29 -19.59
CA ARG B 159 11.28 -20.97 -20.65
C ARG B 159 10.02 -20.14 -20.88
N PRO B 160 10.12 -19.10 -21.71
CA PRO B 160 9.06 -18.16 -22.08
C PRO B 160 7.67 -18.76 -22.28
N ILE B 161 7.59 -19.81 -23.08
CA ILE B 161 6.31 -20.45 -23.37
C ILE B 161 5.51 -20.73 -22.10
N LEU B 162 6.18 -21.16 -21.04
CA LEU B 162 5.51 -21.48 -19.77
C LEU B 162 5.03 -20.29 -18.93
N THR B 163 5.34 -19.07 -19.35
CA THR B 163 4.93 -17.88 -18.61
C THR B 163 3.54 -17.41 -19.03
N GLY B 164 2.89 -18.20 -19.88
CA GLY B 164 1.56 -17.84 -20.32
C GLY B 164 0.57 -18.95 -20.04
N VAL B 165 -0.69 -18.70 -20.37
CA VAL B 165 -1.72 -19.71 -20.19
C VAL B 165 -1.99 -20.26 -21.57
N HIS B 166 -1.93 -21.58 -21.69
CA HIS B 166 -2.17 -22.26 -22.96
C HIS B 166 -3.66 -22.43 -23.14
N ILE B 167 -4.20 -21.82 -24.18
CA ILE B 167 -5.62 -21.95 -24.45
C ILE B 167 -5.85 -22.57 -25.82
N VAL B 168 -6.63 -23.64 -25.85
CA VAL B 168 -6.92 -24.38 -27.06
C VAL B 168 -8.38 -24.75 -27.24
N LEU B 169 -8.87 -24.62 -28.47
CA LEU B 169 -10.23 -25.00 -28.79
C LEU B 169 -10.14 -26.18 -29.76
N SER B 170 -10.78 -27.29 -29.41
CA SER B 170 -10.76 -28.49 -30.25
C SER B 170 -12.16 -28.86 -30.68
N ASN B 171 -12.24 -29.53 -31.84
CA ASN B 171 -13.51 -29.96 -32.38
C ASN B 171 -14.50 -28.80 -32.40
N HIS B 172 -13.97 -27.60 -32.55
CA HIS B 172 -14.80 -26.39 -32.59
C HIS B 172 -15.71 -26.19 -31.37
N LYS B 173 -15.47 -26.91 -30.29
CA LYS B 173 -16.35 -26.75 -29.12
C LYS B 173 -15.72 -27.11 -27.77
N ASP B 174 -14.58 -27.79 -27.81
CA ASP B 174 -13.92 -28.19 -26.56
C ASP B 174 -12.82 -27.23 -26.15
N PHE B 175 -13.16 -26.36 -25.22
CA PHE B 175 -12.24 -25.33 -24.70
C PHE B 175 -11.37 -25.83 -23.56
N LYS B 176 -10.06 -25.58 -23.68
CA LYS B 176 -9.12 -25.96 -22.64
C LYS B 176 -8.18 -24.81 -22.31
N ALA B 177 -7.99 -24.55 -21.01
CA ALA B 177 -7.06 -23.53 -20.57
C ALA B 177 -6.13 -24.23 -19.59
N VAL B 178 -4.84 -24.17 -19.84
CA VAL B 178 -3.88 -24.81 -18.96
C VAL B 178 -2.67 -23.92 -18.72
N ALA B 179 -2.11 -24.01 -17.52
CA ALA B 179 -0.93 -23.25 -17.17
C ALA B 179 -0.11 -24.16 -16.27
N THR B 180 1.21 -24.03 -16.32
CA THR B 180 2.07 -24.88 -15.50
C THR B 180 3.43 -24.26 -15.31
N ASP B 181 4.17 -24.74 -14.31
CA ASP B 181 5.51 -24.24 -14.04
C ASP B 181 6.44 -25.40 -13.74
N SER B 182 6.06 -26.59 -14.22
CA SER B 182 6.83 -27.82 -14.03
C SER B 182 6.75 -28.38 -12.61
N HIS B 183 6.09 -27.67 -11.71
CA HIS B 183 5.94 -28.12 -10.33
C HIS B 183 4.46 -28.31 -9.99
N ARG B 184 3.62 -27.41 -10.51
CA ARG B 184 2.18 -27.51 -10.31
C ARG B 184 1.48 -27.14 -11.61
N MET B 185 0.24 -27.57 -11.74
CA MET B 185 -0.50 -27.35 -12.97
C MET B 185 -1.98 -27.06 -12.69
N SER B 186 -2.59 -26.30 -13.58
CA SER B 186 -3.98 -25.97 -13.46
C SER B 186 -4.64 -26.09 -14.81
N GLN B 187 -5.76 -26.81 -14.85
CA GLN B 187 -6.47 -26.99 -16.10
C GLN B 187 -7.97 -26.82 -15.94
N ARG B 188 -8.55 -25.99 -16.80
CA ARG B 188 -9.99 -25.77 -16.80
C ARG B 188 -10.55 -26.22 -18.15
N LEU B 189 -11.53 -27.12 -18.12
CA LEU B 189 -12.14 -27.59 -19.36
C LEU B 189 -13.57 -27.11 -19.40
N ILE B 190 -13.98 -26.63 -20.57
CA ILE B 190 -15.34 -26.16 -20.76
C ILE B 190 -15.85 -26.48 -22.17
N THR B 191 -17.13 -26.81 -22.27
CA THR B 191 -17.74 -27.09 -23.56
C THR B 191 -18.56 -25.87 -23.95
N LEU B 192 -18.13 -25.16 -24.99
CA LEU B 192 -18.83 -23.97 -25.45
C LEU B 192 -20.27 -24.32 -25.82
N ASP B 193 -21.17 -23.35 -25.71
CA ASP B 193 -22.58 -23.56 -26.05
C ASP B 193 -22.75 -23.40 -27.56
N ASN B 194 -21.76 -22.81 -28.20
CA ASN B 194 -21.81 -22.60 -29.63
C ASN B 194 -20.47 -22.90 -30.29
N THR B 195 -20.53 -23.63 -31.39
CA THR B 195 -19.33 -23.99 -32.13
C THR B 195 -18.62 -22.73 -32.60
N SER B 196 -17.33 -22.87 -32.90
CA SER B 196 -16.54 -21.75 -33.36
C SER B 196 -15.23 -22.25 -33.97
N ALA B 197 -14.48 -21.35 -34.62
CA ALA B 197 -13.21 -21.70 -35.24
C ALA B 197 -12.16 -22.15 -34.23
N ASP B 198 -11.38 -23.17 -34.59
CA ASP B 198 -10.34 -23.67 -33.70
C ASP B 198 -9.17 -22.72 -33.63
N PHE B 199 -8.51 -22.72 -32.46
CA PHE B 199 -7.35 -21.88 -32.24
C PHE B 199 -6.47 -22.54 -31.19
N MET B 200 -5.23 -22.08 -31.08
CA MET B 200 -4.29 -22.61 -30.10
C MET B 200 -3.23 -21.56 -29.87
N VAL B 201 -3.29 -20.90 -28.72
CA VAL B 201 -2.36 -19.84 -28.38
C VAL B 201 -1.86 -19.92 -26.94
N VAL B 202 -0.85 -19.11 -26.65
CA VAL B 202 -0.27 -19.01 -25.33
C VAL B 202 -0.20 -17.51 -25.05
N LEU B 203 -0.95 -17.05 -24.05
CA LEU B 203 -1.02 -15.63 -23.71
C LEU B 203 -0.32 -15.31 -22.39
N PRO B 204 0.56 -14.29 -22.40
CA PRO B 204 1.27 -13.92 -21.18
C PRO B 204 0.32 -13.84 -20.00
N SER B 205 0.71 -14.42 -18.88
CA SER B 205 -0.11 -14.38 -17.69
C SER B 205 -0.37 -12.93 -17.29
N LYS B 206 0.68 -12.11 -17.34
CA LYS B 206 0.56 -10.70 -16.98
C LYS B 206 -0.54 -10.01 -17.80
N SER B 207 -0.63 -10.34 -19.08
CA SER B 207 -1.64 -9.75 -19.93
C SER B 207 -3.04 -10.16 -19.48
N LEU B 208 -3.19 -11.43 -19.08
CA LEU B 208 -4.49 -11.91 -18.63
C LEU B 208 -4.93 -11.23 -17.35
N ARG B 209 -3.98 -10.98 -16.45
CA ARG B 209 -4.32 -10.30 -15.20
C ARG B 209 -4.85 -8.91 -15.51
N GLU B 210 -4.19 -8.19 -16.42
CA GLU B 210 -4.65 -6.85 -16.80
C GLU B 210 -6.05 -6.88 -17.39
N PHE B 211 -6.32 -7.88 -18.23
CA PHE B 211 -7.65 -8.01 -18.85
C PHE B 211 -8.76 -7.99 -17.78
N SER B 212 -8.55 -8.73 -16.70
CA SER B 212 -9.56 -8.81 -15.64
C SER B 212 -9.73 -7.46 -14.97
N ALA B 213 -8.64 -6.71 -14.85
CA ALA B 213 -8.68 -5.40 -14.23
C ALA B 213 -9.30 -4.36 -15.15
N VAL B 214 -9.16 -4.57 -16.47
CA VAL B 214 -9.70 -3.65 -17.48
C VAL B 214 -11.18 -3.84 -17.79
N PHE B 215 -11.61 -5.09 -17.93
CA PHE B 215 -13.01 -5.37 -18.24
C PHE B 215 -13.84 -5.54 -16.98
N THR B 216 -14.47 -4.43 -16.57
CA THR B 216 -15.31 -4.42 -15.38
C THR B 216 -16.51 -5.34 -15.54
N ASP B 217 -17.00 -5.85 -14.41
CA ASP B 217 -18.13 -6.78 -14.41
C ASP B 217 -19.42 -6.28 -15.04
N ASP B 218 -19.46 -5.01 -15.45
CA ASP B 218 -20.65 -4.48 -16.09
C ASP B 218 -20.64 -4.87 -17.55
N ILE B 219 -19.49 -5.31 -18.04
CA ILE B 219 -19.35 -5.74 -19.43
C ILE B 219 -19.70 -7.23 -19.48
N GLU B 220 -20.83 -7.53 -20.10
CA GLU B 220 -21.32 -8.89 -20.18
C GLU B 220 -20.46 -9.86 -21.00
N THR B 221 -20.14 -9.49 -22.23
CA THR B 221 -19.34 -10.39 -23.07
C THR B 221 -18.27 -9.67 -23.90
N VAL B 222 -17.26 -10.41 -24.34
CA VAL B 222 -16.21 -9.84 -25.17
C VAL B 222 -16.02 -10.69 -26.43
N GLU B 223 -15.57 -10.04 -27.49
CA GLU B 223 -15.31 -10.75 -28.74
C GLU B 223 -13.82 -11.01 -28.80
N VAL B 224 -13.45 -12.25 -29.10
CA VAL B 224 -12.04 -12.60 -29.17
C VAL B 224 -11.59 -12.85 -30.61
N PHE B 225 -10.53 -12.17 -31.04
CA PHE B 225 -9.97 -12.32 -32.39
C PHE B 225 -8.53 -12.79 -32.28
N PHE B 226 -8.11 -13.64 -33.22
CA PHE B 226 -6.75 -14.19 -33.19
C PHE B 226 -5.88 -13.90 -34.42
N SER B 227 -4.57 -13.89 -34.18
CA SER B 227 -3.56 -13.70 -35.21
C SER B 227 -2.37 -14.46 -34.64
N PRO B 228 -1.37 -14.78 -35.48
CA PRO B 228 -0.19 -15.51 -35.01
C PRO B 228 0.58 -14.87 -33.85
N SER B 229 0.71 -13.55 -33.87
CA SER B 229 1.46 -12.89 -32.83
C SER B 229 0.67 -12.01 -31.87
N GLN B 230 -0.65 -11.92 -32.05
CA GLN B 230 -1.44 -11.05 -31.20
C GLN B 230 -2.90 -11.47 -31.05
N ILE B 231 -3.48 -11.19 -29.89
CA ILE B 231 -4.89 -11.52 -29.66
C ILE B 231 -5.64 -10.27 -29.19
N LEU B 232 -6.88 -10.13 -29.65
CA LEU B 232 -7.71 -8.98 -29.34
C LEU B 232 -9.00 -9.33 -28.59
N PHE B 233 -9.21 -8.68 -27.44
CA PHE B 233 -10.42 -8.88 -26.66
C PHE B 233 -11.21 -7.60 -26.85
N ARG B 234 -12.41 -7.70 -27.42
CA ARG B 234 -13.19 -6.50 -27.68
C ARG B 234 -14.65 -6.44 -27.20
N SER B 235 -15.00 -5.35 -26.52
CA SER B 235 -16.36 -5.11 -26.04
C SER B 235 -16.82 -3.89 -26.85
N GLU B 236 -17.98 -3.34 -26.51
CA GLU B 236 -18.51 -2.18 -27.25
C GLU B 236 -17.55 -1.01 -27.43
N HIS B 237 -16.90 -0.60 -26.35
CA HIS B 237 -16.02 0.56 -26.44
C HIS B 237 -14.57 0.30 -26.05
N ILE B 238 -14.26 -0.94 -25.67
CA ILE B 238 -12.89 -1.25 -25.28
C ILE B 238 -12.25 -2.32 -26.15
N SER B 239 -11.01 -2.05 -26.55
CA SER B 239 -10.22 -2.97 -27.36
C SER B 239 -8.94 -3.26 -26.59
N PHE B 240 -8.79 -4.52 -26.19
CA PHE B 240 -7.63 -4.96 -25.43
C PHE B 240 -6.75 -5.86 -26.32
N TYR B 241 -5.54 -5.39 -26.64
CA TYR B 241 -4.60 -6.16 -27.46
C TYR B 241 -3.43 -6.69 -26.64
N THR B 242 -2.95 -7.87 -27.00
CA THR B 242 -1.79 -8.44 -26.31
C THR B 242 -0.99 -9.33 -27.24
N ARG B 243 0.34 -9.26 -27.11
CA ARG B 243 1.18 -10.10 -27.94
C ARG B 243 1.04 -11.52 -27.40
N LEU B 244 1.33 -12.50 -28.25
CA LEU B 244 1.24 -13.88 -27.84
C LEU B 244 2.64 -14.44 -27.65
N LEU B 245 2.76 -15.51 -26.89
CA LEU B 245 4.05 -16.13 -26.69
C LEU B 245 4.16 -17.14 -27.83
N GLU B 246 5.20 -16.99 -28.64
CA GLU B 246 5.42 -17.88 -29.78
C GLU B 246 6.17 -19.14 -29.38
N GLY B 247 5.88 -20.24 -30.08
CA GLY B 247 6.56 -21.48 -29.77
C GLY B 247 5.61 -22.64 -29.58
N ASN B 248 6.12 -23.70 -28.97
CA ASN B 248 5.29 -24.87 -28.74
C ASN B 248 5.12 -25.10 -27.24
N TYR B 249 3.87 -25.15 -26.81
CA TYR B 249 3.57 -25.38 -25.40
C TYR B 249 3.59 -26.90 -25.20
N PRO B 250 4.34 -27.37 -24.21
CA PRO B 250 4.43 -28.80 -23.92
C PRO B 250 3.10 -29.51 -23.75
N ASP B 251 3.15 -30.82 -23.95
CA ASP B 251 1.99 -31.68 -23.81
C ASP B 251 1.67 -31.65 -22.31
N THR B 252 0.39 -31.55 -21.95
CA THR B 252 0.06 -31.52 -20.53
C THR B 252 -0.98 -32.60 -20.20
N ASP B 253 -1.67 -33.08 -21.23
CA ASP B 253 -2.68 -34.11 -21.04
C ASP B 253 -1.99 -35.37 -20.53
N ARG B 254 -0.76 -35.57 -21.00
CA ARG B 254 0.05 -36.71 -20.62
C ARG B 254 0.22 -36.73 -19.10
N LEU B 255 0.27 -35.54 -18.51
CA LEU B 255 0.46 -35.41 -17.06
C LEU B 255 -0.79 -35.61 -16.20
N LEU B 256 -1.96 -35.72 -16.82
CA LEU B 256 -3.18 -35.90 -16.06
C LEU B 256 -3.20 -37.26 -15.35
N MET B 257 -3.19 -37.22 -14.03
CA MET B 257 -3.21 -38.44 -13.22
C MET B 257 -4.57 -39.10 -13.42
N THR B 258 -4.56 -40.35 -13.88
CA THR B 258 -5.79 -41.07 -14.12
C THR B 258 -6.35 -41.78 -12.89
N GLU B 259 -5.51 -42.56 -12.22
CA GLU B 259 -5.97 -43.29 -11.05
C GLU B 259 -5.32 -42.85 -9.75
N PHE B 260 -5.94 -43.23 -8.64
CA PHE B 260 -5.46 -42.85 -7.33
C PHE B 260 -5.61 -44.00 -6.33
N GLU B 261 -4.89 -43.89 -5.23
CA GLU B 261 -4.96 -44.90 -4.17
C GLU B 261 -5.64 -44.31 -2.94
N THR B 262 -5.58 -42.98 -2.81
CA THR B 262 -6.14 -42.28 -1.66
C THR B 262 -6.90 -41.01 -2.05
N GLU B 263 -7.97 -40.73 -1.32
CA GLU B 263 -8.77 -39.52 -1.53
C GLU B 263 -9.12 -38.92 -0.17
N VAL B 264 -8.99 -37.60 -0.05
CA VAL B 264 -9.35 -36.90 1.17
C VAL B 264 -10.08 -35.65 0.71
N VAL B 265 -11.21 -35.38 1.34
CA VAL B 265 -12.01 -34.19 1.04
C VAL B 265 -11.85 -33.27 2.24
N PHE B 266 -11.54 -32.00 1.99
CA PHE B 266 -11.34 -31.01 3.06
C PHE B 266 -12.19 -29.79 2.80
N ASN B 267 -12.31 -28.98 3.84
CA ASN B 267 -12.98 -27.70 3.72
C ASN B 267 -11.83 -26.86 3.13
N THR B 268 -12.05 -26.26 1.98
CA THR B 268 -11.02 -25.49 1.29
C THR B 268 -10.32 -24.42 2.14
N GLN B 269 -11.11 -23.54 2.75
CA GLN B 269 -10.60 -22.46 3.59
C GLN B 269 -9.80 -22.96 4.79
N SER B 270 -10.34 -23.92 5.52
CA SER B 270 -9.64 -24.42 6.70
C SER B 270 -8.30 -25.07 6.35
N LEU B 271 -8.23 -25.80 5.25
CA LEU B 271 -6.97 -26.43 4.88
C LEU B 271 -5.96 -25.36 4.44
N ARG B 272 -6.45 -24.34 3.74
CA ARG B 272 -5.58 -23.26 3.26
C ARG B 272 -4.90 -22.58 4.46
N HIS B 273 -5.68 -22.28 5.49
CA HIS B 273 -5.14 -21.65 6.68
C HIS B 273 -4.12 -22.55 7.37
N ALA B 274 -4.39 -23.86 7.41
CA ALA B 274 -3.44 -24.75 8.02
C ALA B 274 -2.14 -24.73 7.21
N MET B 275 -2.27 -24.68 5.90
CA MET B 275 -1.08 -24.68 5.05
C MET B 275 -0.31 -23.37 5.17
N GLU B 276 -1.02 -22.25 5.38
CA GLU B 276 -0.36 -20.97 5.53
C GLU B 276 0.43 -20.98 6.83
N ARG B 277 -0.07 -21.74 7.80
CA ARG B 277 0.57 -21.90 9.10
C ARG B 277 1.86 -22.66 8.87
N ALA B 278 1.77 -23.73 8.08
CA ALA B 278 2.94 -24.54 7.79
C ALA B 278 4.01 -23.74 7.02
N PHE B 279 3.57 -22.93 6.07
CA PHE B 279 4.46 -22.10 5.24
C PHE B 279 5.30 -21.12 6.08
N LEU B 280 4.66 -20.49 7.06
CA LEU B 280 5.37 -19.56 7.93
C LEU B 280 6.62 -20.20 8.51
N ILE B 281 6.55 -21.50 8.81
CA ILE B 281 7.71 -22.20 9.36
C ILE B 281 8.59 -22.82 8.28
N SER B 282 7.99 -23.43 7.26
CA SER B 282 8.77 -24.05 6.21
C SER B 282 9.55 -23.05 5.37
N ASN B 283 9.00 -21.84 5.23
CA ASN B 283 9.63 -20.80 4.43
C ASN B 283 10.93 -20.30 5.08
N ALA B 284 11.25 -20.86 6.25
CA ALA B 284 12.45 -20.50 6.97
C ALA B 284 13.68 -20.98 6.22
N THR B 285 13.53 -22.09 5.51
CA THR B 285 14.63 -22.65 4.73
C THR B 285 14.25 -22.67 3.26
N GLN B 286 15.24 -22.89 2.40
CA GLN B 286 14.99 -22.94 0.97
C GLN B 286 14.50 -24.35 0.66
N ASN B 287 13.43 -24.46 -0.11
CA ASN B 287 12.87 -25.76 -0.45
C ASN B 287 12.23 -26.40 0.78
N GLY B 288 11.83 -25.59 1.75
CA GLY B 288 11.19 -26.12 2.94
C GLY B 288 9.89 -26.81 2.57
N THR B 289 9.57 -27.91 3.24
CA THR B 289 8.35 -28.62 2.91
C THR B 289 7.51 -28.96 4.12
N VAL B 290 6.26 -29.34 3.86
CA VAL B 290 5.36 -29.77 4.91
C VAL B 290 5.06 -31.25 4.62
N LYS B 291 5.01 -32.04 5.68
CA LYS B 291 4.71 -33.47 5.57
C LYS B 291 3.28 -33.74 6.02
N LEU B 292 2.48 -34.32 5.13
CA LEU B 292 1.10 -34.64 5.44
C LEU B 292 0.99 -36.13 5.75
N GLU B 293 0.52 -36.46 6.95
CA GLU B 293 0.35 -37.86 7.36
C GLU B 293 -1.14 -38.21 7.32
N ILE B 294 -1.48 -39.11 6.40
CA ILE B 294 -2.86 -39.54 6.23
C ILE B 294 -3.07 -40.98 6.73
N THR B 295 -3.89 -41.13 7.76
CA THR B 295 -4.25 -42.46 8.28
C THR B 295 -5.76 -42.40 8.44
N GLN B 296 -6.39 -43.52 8.79
CA GLN B 296 -7.84 -43.54 8.94
C GLN B 296 -8.29 -42.72 10.14
N ASN B 297 -9.06 -41.68 9.85
CA ASN B 297 -9.60 -40.77 10.87
C ASN B 297 -8.53 -39.94 11.60
N HIS B 298 -7.35 -39.81 11.00
CA HIS B 298 -6.27 -39.02 11.58
C HIS B 298 -5.41 -38.46 10.43
N ILE B 299 -5.42 -37.13 10.31
CA ILE B 299 -4.70 -36.40 9.27
C ILE B 299 -3.90 -35.29 9.97
N SER B 300 -2.58 -35.26 9.79
CA SER B 300 -1.80 -34.21 10.41
C SER B 300 -0.74 -33.62 9.49
N ALA B 301 -0.38 -32.37 9.74
CA ALA B 301 0.64 -31.65 8.98
C ALA B 301 1.82 -31.40 9.91
N HIS B 302 3.01 -31.61 9.37
CA HIS B 302 4.23 -31.44 10.14
C HIS B 302 5.28 -30.68 9.37
N VAL B 303 5.96 -29.78 10.07
CA VAL B 303 7.04 -28.98 9.49
C VAL B 303 8.12 -28.94 10.56
N ASN B 304 9.38 -29.05 10.12
CA ASN B 304 10.51 -28.99 11.05
C ASN B 304 11.62 -28.14 10.44
N SER B 305 11.82 -26.95 11.01
CA SER B 305 12.86 -26.04 10.54
C SER B 305 13.89 -25.88 11.66
N PRO B 306 14.94 -26.70 11.63
CA PRO B 306 16.01 -26.67 12.63
C PRO B 306 16.46 -25.27 13.02
N GLU B 307 16.59 -25.04 14.32
CA GLU B 307 17.02 -23.77 14.88
C GLU B 307 16.04 -22.63 14.62
N VAL B 308 14.88 -22.94 14.02
CA VAL B 308 13.86 -21.93 13.77
C VAL B 308 12.55 -22.32 14.45
N GLY B 309 11.99 -23.46 14.05
CA GLY B 309 10.74 -23.89 14.66
C GLY B 309 10.15 -25.15 14.06
N LYS B 310 8.99 -25.55 14.55
CA LYS B 310 8.33 -26.75 14.04
C LYS B 310 6.82 -26.58 14.16
N VAL B 311 6.10 -27.28 13.29
CA VAL B 311 4.64 -27.26 13.31
C VAL B 311 4.10 -28.70 13.35
N ASN B 312 3.12 -28.91 14.21
CA ASN B 312 2.48 -30.21 14.32
C ASN B 312 1.01 -29.85 14.45
N GLU B 313 0.24 -30.12 13.40
CA GLU B 313 -1.16 -29.77 13.44
C GLU B 313 -2.12 -30.85 12.96
N ASP B 314 -3.15 -31.14 13.76
CA ASP B 314 -4.16 -32.12 13.40
C ASP B 314 -5.21 -31.43 12.53
N LEU B 315 -5.58 -32.07 11.43
CA LEU B 315 -6.54 -31.49 10.50
C LEU B 315 -7.91 -32.14 10.47
N ASP B 316 -8.95 -31.32 10.34
CA ASP B 316 -10.32 -31.84 10.23
C ASP B 316 -10.53 -32.07 8.74
N ILE B 317 -11.31 -33.10 8.42
CA ILE B 317 -11.63 -33.42 7.03
C ILE B 317 -13.12 -33.72 6.92
N VAL B 318 -13.62 -33.71 5.70
CA VAL B 318 -15.02 -34.01 5.46
C VAL B 318 -15.16 -35.53 5.33
N SER B 319 -14.25 -36.14 4.56
CA SER B 319 -14.30 -37.59 4.36
C SER B 319 -12.98 -38.06 3.77
N GLN B 320 -12.82 -39.38 3.65
CA GLN B 320 -11.61 -39.94 3.07
C GLN B 320 -11.90 -41.36 2.58
N SER B 321 -11.03 -41.87 1.72
CA SER B 321 -11.17 -43.22 1.19
C SER B 321 -9.78 -43.69 0.78
N GLY B 322 -9.65 -44.98 0.53
CA GLY B 322 -8.38 -45.52 0.11
C GLY B 322 -7.36 -45.77 1.20
N SER B 323 -6.12 -45.86 0.78
CA SER B 323 -5.01 -46.17 1.67
C SER B 323 -4.38 -45.03 2.47
N ASP B 324 -3.62 -45.41 3.50
CA ASP B 324 -2.91 -44.45 4.32
C ASP B 324 -1.75 -43.99 3.45
N LEU B 325 -1.20 -42.83 3.76
CA LEU B 325 -0.12 -42.28 2.95
C LEU B 325 0.56 -41.13 3.66
N THR B 326 1.87 -41.02 3.46
CA THR B 326 2.61 -39.91 4.02
C THR B 326 3.25 -39.28 2.78
N ILE B 327 3.01 -37.98 2.60
CA ILE B 327 3.55 -37.28 1.44
C ILE B 327 3.99 -35.85 1.79
N SER B 328 5.15 -35.45 1.24
CA SER B 328 5.70 -34.12 1.49
C SER B 328 5.68 -33.26 0.25
N PHE B 329 5.53 -31.95 0.44
CA PHE B 329 5.49 -31.01 -0.67
C PHE B 329 5.68 -29.57 -0.16
N ASN B 330 5.89 -28.65 -1.08
CA ASN B 330 6.06 -27.25 -0.72
C ASN B 330 4.68 -26.67 -0.47
N PRO B 331 4.40 -26.25 0.77
CA PRO B 331 3.07 -25.69 1.04
C PRO B 331 2.57 -24.54 0.17
N THR B 332 3.47 -23.74 -0.41
CA THR B 332 3.00 -22.62 -1.22
C THR B 332 2.14 -23.00 -2.41
N TYR B 333 2.45 -24.14 -3.03
CA TYR B 333 1.70 -24.61 -4.20
C TYR B 333 0.28 -24.98 -3.82
N LEU B 334 0.14 -25.62 -2.67
CA LEU B 334 -1.18 -26.01 -2.21
C LEU B 334 -1.95 -24.76 -1.81
N ILE B 335 -1.28 -23.82 -1.14
CA ILE B 335 -1.94 -22.57 -0.74
C ILE B 335 -2.56 -21.90 -1.94
N GLU B 336 -1.75 -21.72 -2.97
CA GLU B 336 -2.22 -21.06 -4.18
C GLU B 336 -3.31 -21.86 -4.88
N SER B 337 -3.19 -23.18 -4.87
CA SER B 337 -4.22 -23.98 -5.53
C SER B 337 -5.56 -23.83 -4.81
N LEU B 338 -5.52 -23.73 -3.49
CA LEU B 338 -6.75 -23.60 -2.71
C LEU B 338 -7.38 -22.22 -2.86
N LYS B 339 -6.56 -21.18 -3.00
CA LYS B 339 -7.08 -19.84 -3.18
C LYS B 339 -7.89 -19.80 -4.46
N ALA B 340 -7.44 -20.57 -5.47
CA ALA B 340 -8.11 -20.62 -6.77
C ALA B 340 -9.41 -21.42 -6.80
N ILE B 341 -9.66 -22.20 -5.75
CA ILE B 341 -10.86 -23.03 -5.65
C ILE B 341 -11.94 -22.31 -4.85
N LYS B 342 -13.01 -21.92 -5.52
CA LYS B 342 -14.10 -21.19 -4.85
C LYS B 342 -15.06 -22.12 -4.10
N SER B 343 -15.07 -23.39 -4.48
CA SER B 343 -15.91 -24.40 -3.86
C SER B 343 -15.61 -24.49 -2.35
N GLU B 344 -16.65 -24.72 -1.56
CA GLU B 344 -16.45 -24.80 -0.12
C GLU B 344 -15.54 -25.96 0.29
N THR B 345 -15.58 -27.04 -0.47
CA THR B 345 -14.74 -28.21 -0.20
C THR B 345 -13.83 -28.50 -1.37
N VAL B 346 -12.82 -29.32 -1.13
CA VAL B 346 -11.88 -29.68 -2.16
C VAL B 346 -11.55 -31.15 -2.00
N LYS B 347 -11.61 -31.86 -3.12
CA LYS B 347 -11.30 -33.29 -3.14
C LYS B 347 -9.86 -33.45 -3.57
N ILE B 348 -9.07 -34.13 -2.76
CA ILE B 348 -7.70 -34.31 -3.13
C ILE B 348 -7.41 -35.79 -3.37
N HIS B 349 -6.86 -36.08 -4.55
CA HIS B 349 -6.51 -37.44 -4.97
C HIS B 349 -5.00 -37.68 -4.99
N PHE B 350 -4.55 -38.71 -4.28
CA PHE B 350 -3.14 -39.06 -4.22
C PHE B 350 -2.87 -40.44 -4.84
N LEU B 351 -1.69 -40.65 -5.42
CA LEU B 351 -1.35 -41.95 -5.98
C LEU B 351 -0.28 -42.61 -5.11
N SER B 352 0.74 -41.82 -4.76
CA SER B 352 1.83 -42.31 -3.93
C SER B 352 2.64 -41.12 -3.45
N PRO B 353 3.61 -41.35 -2.54
CA PRO B 353 4.46 -40.30 -1.97
C PRO B 353 5.32 -39.56 -3.01
N VAL B 354 5.60 -40.20 -4.14
CA VAL B 354 6.44 -39.56 -5.14
C VAL B 354 5.76 -39.18 -6.44
N ARG B 355 4.46 -39.41 -6.53
CA ARG B 355 3.71 -39.03 -7.73
C ARG B 355 2.85 -37.81 -7.40
N PRO B 356 2.52 -37.01 -8.42
CA PRO B 356 1.71 -35.79 -8.28
C PRO B 356 0.31 -36.09 -7.74
N PHE B 357 -0.22 -35.19 -6.91
CA PHE B 357 -1.58 -35.36 -6.40
C PHE B 357 -2.45 -34.31 -7.06
N THR B 358 -3.72 -34.62 -7.22
CA THR B 358 -4.64 -33.72 -7.91
C THR B 358 -5.77 -33.17 -7.03
N LEU B 359 -6.16 -31.94 -7.32
CA LEU B 359 -7.20 -31.28 -6.57
C LEU B 359 -8.34 -30.88 -7.49
N THR B 360 -9.57 -31.12 -7.02
CA THR B 360 -10.77 -30.75 -7.76
C THR B 360 -11.74 -30.20 -6.72
N PRO B 361 -12.63 -29.29 -7.13
CA PRO B 361 -13.59 -28.72 -6.18
C PRO B 361 -14.61 -29.77 -5.75
N GLY B 362 -14.87 -29.83 -4.44
CA GLY B 362 -15.81 -30.80 -3.93
C GLY B 362 -17.18 -30.55 -4.52
N ASP B 363 -17.36 -29.32 -4.97
CA ASP B 363 -18.58 -28.80 -5.60
C ASP B 363 -18.99 -29.54 -6.85
N GLU B 364 -18.00 -29.95 -7.62
CA GLU B 364 -18.22 -30.61 -8.90
C GLU B 364 -19.00 -29.66 -9.82
N GLU B 365 -18.94 -28.35 -9.52
CA GLU B 365 -19.62 -27.36 -10.34
C GLU B 365 -18.87 -27.12 -11.67
N GLU B 366 -17.60 -27.49 -11.73
CA GLU B 366 -16.87 -27.31 -12.99
C GLU B 366 -15.75 -28.33 -13.19
N SER B 367 -15.23 -28.38 -14.41
CA SER B 367 -14.15 -29.29 -14.73
C SER B 367 -12.89 -28.47 -14.50
N PHE B 368 -12.41 -28.54 -13.27
CA PHE B 368 -11.25 -27.79 -12.83
C PHE B 368 -10.30 -28.74 -12.10
N ILE B 369 -9.15 -29.00 -12.70
CA ILE B 369 -8.18 -29.92 -12.11
C ILE B 369 -6.82 -29.27 -11.86
N GLN B 370 -6.24 -29.51 -10.69
CA GLN B 370 -4.92 -28.97 -10.41
C GLN B 370 -4.04 -30.13 -9.97
N LEU B 371 -2.75 -30.04 -10.28
CA LEU B 371 -1.78 -31.07 -9.92
C LEU B 371 -0.59 -30.41 -9.25
N ILE B 372 -0.06 -31.06 -8.24
CA ILE B 372 1.10 -30.56 -7.53
C ILE B 372 2.09 -31.70 -7.40
N THR B 373 3.34 -31.44 -7.71
CA THR B 373 4.36 -32.47 -7.63
C THR B 373 4.98 -32.45 -6.24
N PRO B 374 4.99 -33.60 -5.57
CA PRO B 374 5.55 -33.75 -4.23
C PRO B 374 7.06 -33.78 -4.22
N VAL B 375 7.64 -33.73 -3.02
CA VAL B 375 9.08 -33.80 -2.85
C VAL B 375 9.36 -35.11 -2.13
N ARG B 376 10.30 -35.88 -2.64
CA ARG B 376 10.62 -37.15 -1.99
C ARG B 376 11.47 -36.88 -0.76
N THR B 377 11.20 -37.61 0.32
CA THR B 377 11.95 -37.43 1.56
C THR B 377 12.69 -38.70 1.97
#